data_6AOO
#
_entry.id   6AOO
#
_cell.length_a   107.688
_cell.length_b   94.119
_cell.length_c   73.215
_cell.angle_alpha   90.00
_cell.angle_beta   121.70
_cell.angle_gamma   90.00
#
_symmetry.space_group_name_H-M   'C 1 2 1'
#
loop_
_entity.id
_entity.type
_entity.pdbx_description
1 polymer 'Malate dehydrogenase'
2 non-polymer 'SULFATE ION'
3 water water
#
_entity_poly.entity_id   1
_entity_poly.type   'polypeptide(L)'
_entity_poly.pdbx_seq_one_letter_code
;MHHHHHHSSGVDLGTENLYFQSNAMKVAVLGAAGGIGQALALLLKLQLPAGTDLSLYDIAPVTPGVAVDVSHIPTAVNVK
GFSGEDPTPALEGADVVLISAGVARKPGMDRSDLFNINAGIVRGLIEKVAVTCPKACVGIITNPVNTTVAIAAEVLKKAG
VYDKRKLFGVTTLDVLRSETFVAELKGLNVSRTSVPVIGGHSGVTILPLLSQVQYAKWNEDEIEPLTKRIQNAGTEVLNA
KAGGGSATLSMAQAAARFARSLVKGLSGETVVECTYVEGDGKYARFFSQPVRLGKEGVEEILPIGPLSNFEQQALENMLP
TLRADIELGEKFING
;
_entity_poly.pdbx_strand_id   A,B
#
loop_
_chem_comp.id
_chem_comp.type
_chem_comp.name
_chem_comp.formula
SO4 non-polymer 'SULFATE ION' 'O4 S -2'
#
# COMPACT_ATOMS: atom_id res chain seq x y z
N PHE A 20 13.17 3.72 27.08
CA PHE A 20 14.23 4.50 26.36
C PHE A 20 14.11 4.35 24.83
N GLN A 21 15.13 4.87 24.14
CA GLN A 21 15.21 4.84 22.69
C GLN A 21 16.50 4.18 22.22
N SER A 22 16.64 4.06 20.90
CA SER A 22 17.87 3.55 20.23
C SER A 22 18.30 2.05 20.35
N ASN A 23 17.42 1.15 20.79
CA ASN A 23 17.73 -0.29 20.81
C ASN A 23 17.00 -0.81 19.59
N ALA A 24 15.80 -1.38 19.78
CA ALA A 24 15.00 -1.79 18.65
C ALA A 24 14.31 -0.48 18.34
N MET A 25 14.40 -0.04 17.10
CA MET A 25 13.78 1.20 16.69
C MET A 25 12.27 1.07 16.89
N LYS A 26 11.61 2.12 17.36
CA LYS A 26 10.15 2.09 17.52
C LYS A 26 9.46 3.23 16.77
N VAL A 27 8.57 2.87 15.86
CA VAL A 27 7.82 3.82 15.06
C VAL A 27 6.34 3.81 15.43
N ALA A 28 5.80 5.00 15.71
CA ALA A 28 4.37 5.14 16.04
C ALA A 28 3.61 5.91 14.97
N VAL A 29 2.48 5.35 14.53
CA VAL A 29 1.60 6.00 13.56
C VAL A 29 0.29 6.38 14.26
N LEU A 30 0.07 7.70 14.38
CA LEU A 30 -1.15 8.23 14.98
C LEU A 30 -2.04 8.67 13.83
N GLY A 31 -3.10 7.91 13.60
CA GLY A 31 -4.03 8.17 12.49
C GLY A 31 -4.00 6.99 11.54
N ALA A 32 -3.78 5.81 12.11
CA ALA A 32 -3.64 4.59 11.34
C ALA A 32 -4.92 4.01 10.75
N ALA A 33 -6.08 4.52 11.14
CA ALA A 33 -7.37 4.00 10.62
C ALA A 33 -7.84 4.72 9.36
N GLY A 34 -7.28 5.89 9.08
CA GLY A 34 -7.66 6.65 7.89
C GLY A 34 -7.09 6.07 6.61
N GLY A 35 -7.53 6.62 5.47
CA GLY A 35 -7.02 6.16 4.17
C GLY A 35 -5.50 6.21 4.11
N ILE A 36 -4.91 7.35 4.46
CA ILE A 36 -3.44 7.51 4.44
C ILE A 36 -2.79 6.60 5.43
N GLY A 37 -3.31 6.61 6.65
CA GLY A 37 -2.76 5.82 7.74
C GLY A 37 -2.65 4.35 7.50
N GLN A 38 -3.70 3.77 6.91
CA GLN A 38 -3.71 2.33 6.61
C GLN A 38 -2.72 1.99 5.52
N ALA A 39 -2.65 2.86 4.51
CA ALA A 39 -1.72 2.65 3.42
C ALA A 39 -0.30 2.78 3.95
N LEU A 40 -0.06 3.77 4.82
CA LEU A 40 1.24 3.98 5.43
C LEU A 40 1.63 2.80 6.30
N ALA A 41 0.70 2.31 7.13
CA ALA A 41 0.95 1.12 7.96
C ALA A 41 1.47 -0.03 7.11
N LEU A 42 0.83 -0.25 5.95
CA LEU A 42 1.22 -1.32 5.03
C LEU A 42 2.65 -1.12 4.52
N LEU A 43 2.93 0.05 3.99
CA LEU A 43 4.27 0.33 3.50
C LEU A 43 5.33 0.16 4.61
N LEU A 44 5.05 0.67 5.80
CA LEU A 44 6.00 0.54 6.92
C LEU A 44 6.28 -0.93 7.27
N LYS A 45 5.23 -1.76 7.28
CA LYS A 45 5.38 -3.20 7.56
C LYS A 45 6.33 -3.82 6.55
N LEU A 46 6.19 -3.45 5.28
CA LEU A 46 7.04 -3.95 4.20
C LEU A 46 8.41 -3.29 4.10
N GLN A 47 8.53 -2.03 4.51
CA GLN A 47 9.81 -1.30 4.33
C GLN A 47 10.72 -1.13 5.55
N LEU A 48 10.17 -1.03 6.76
CA LEU A 48 11.02 -0.83 7.95
C LEU A 48 12.07 -1.92 8.22
N PRO A 49 13.19 -1.55 8.88
CA PRO A 49 14.20 -2.57 9.17
C PRO A 49 13.68 -3.70 10.08
N ALA A 50 14.31 -4.87 9.97
CA ALA A 50 13.93 -6.01 10.81
C ALA A 50 14.13 -5.64 12.27
N GLY A 51 13.20 -6.08 13.12
CA GLY A 51 13.26 -5.82 14.54
C GLY A 51 12.52 -4.56 14.97
N THR A 52 12.30 -3.65 14.03
CA THR A 52 11.60 -2.40 14.31
C THR A 52 10.19 -2.65 14.83
N ASP A 53 9.83 -1.91 15.90
CA ASP A 53 8.49 -1.97 16.51
C ASP A 53 7.57 -0.93 15.87
N LEU A 54 6.43 -1.40 15.37
CA LEU A 54 5.43 -0.52 14.72
C LEU A 54 4.14 -0.46 15.55
N SER A 55 3.85 0.71 16.14
CA SER A 55 2.63 0.90 16.92
C SER A 55 1.64 1.74 16.12
N LEU A 56 0.45 1.17 15.90
CA LEU A 56 -0.61 1.82 15.15
C LEU A 56 -1.72 2.29 16.06
N TYR A 57 -2.02 3.58 15.99
CA TYR A 57 -3.05 4.16 16.82
C TYR A 57 -4.10 5.02 16.11
N ASP A 58 -5.34 4.91 16.57
CA ASP A 58 -6.40 5.80 16.13
C ASP A 58 -7.57 5.61 17.08
N ILE A 59 -8.52 6.53 17.04
CA ILE A 59 -9.66 6.46 17.92
C ILE A 59 -10.58 5.32 17.50
N ALA A 60 -10.79 5.16 16.20
CA ALA A 60 -11.73 4.14 15.71
C ALA A 60 -11.42 2.73 16.21
N PRO A 61 -12.46 1.97 16.60
CA PRO A 61 -12.25 0.60 17.09
C PRO A 61 -11.69 -0.38 16.03
N VAL A 62 -11.70 0.04 14.77
CA VAL A 62 -11.18 -0.80 13.68
C VAL A 62 -9.66 -0.92 13.75
N THR A 63 -9.00 0.06 14.38
CA THR A 63 -7.53 0.12 14.45
C THR A 63 -6.86 -1.19 14.89
N PRO A 64 -7.35 -1.85 15.97
CA PRO A 64 -6.75 -3.13 16.34
C PRO A 64 -6.77 -4.10 15.16
N GLY A 65 -7.88 -4.12 14.41
CA GLY A 65 -8.01 -4.97 13.24
C GLY A 65 -7.07 -4.58 12.10
N VAL A 66 -6.78 -3.29 11.95
CA VAL A 66 -5.84 -2.85 10.90
C VAL A 66 -4.48 -3.46 11.21
N ALA A 67 -4.09 -3.43 12.48
CA ALA A 67 -2.82 -3.99 12.92
C ALA A 67 -2.80 -5.48 12.71
N VAL A 68 -3.88 -6.16 13.07
CA VAL A 68 -3.94 -7.62 12.86
C VAL A 68 -3.78 -7.93 11.37
N ASP A 69 -4.49 -7.19 10.52
CA ASP A 69 -4.41 -7.31 9.05
C ASP A 69 -2.94 -7.19 8.57
N VAL A 70 -2.28 -6.13 8.99
CA VAL A 70 -0.88 -5.90 8.61
C VAL A 70 0.06 -6.95 9.21
N SER A 71 -0.26 -7.46 10.41
CA SER A 71 0.58 -8.43 11.06
C SER A 71 0.62 -9.77 10.34
N HIS A 72 -0.24 -9.98 9.34
CA HIS A 72 -0.21 -11.28 8.63
C HIS A 72 0.79 -11.30 7.46
N ILE A 73 1.47 -10.17 7.25
CA ILE A 73 2.47 -10.02 6.21
C ILE A 73 3.78 -10.51 6.83
N PRO A 74 4.47 -11.48 6.19
CA PRO A 74 5.70 -12.04 6.75
C PRO A 74 6.99 -11.21 6.68
N THR A 75 7.09 -10.16 7.49
CA THR A 75 8.34 -9.38 7.62
C THR A 75 8.63 -9.34 9.13
N ALA A 76 9.88 -9.13 9.50
CA ALA A 76 10.27 -9.11 10.93
C ALA A 76 10.04 -7.76 11.63
N VAL A 77 8.97 -7.07 11.24
CA VAL A 77 8.56 -5.79 11.84
C VAL A 77 7.41 -6.16 12.79
N ASN A 78 7.56 -5.84 14.08
CA ASN A 78 6.54 -6.20 15.07
C ASN A 78 5.46 -5.13 15.13
N VAL A 79 4.24 -5.48 14.75
CA VAL A 79 3.15 -4.50 14.71
C VAL A 79 2.11 -4.74 15.80
N LYS A 80 1.67 -3.66 16.43
CA LYS A 80 0.66 -3.75 17.48
C LYS A 80 -0.37 -2.61 17.33
N GLY A 81 -1.62 -2.93 17.65
CA GLY A 81 -2.75 -2.01 17.53
C GLY A 81 -3.25 -1.40 18.82
N PHE A 82 -3.74 -0.17 18.70
CA PHE A 82 -4.23 0.62 19.82
C PHE A 82 -5.40 1.51 19.39
N SER A 83 -6.43 1.59 20.24
CA SER A 83 -7.61 2.42 19.94
C SER A 83 -8.06 3.14 21.19
N GLY A 84 -9.15 3.88 21.07
CA GLY A 84 -9.69 4.63 22.18
C GLY A 84 -9.15 6.05 22.24
N GLU A 85 -9.51 6.72 23.32
CA GLU A 85 -9.16 8.11 23.55
C GLU A 85 -7.68 8.42 23.85
N ASP A 86 -6.97 7.47 24.46
CA ASP A 86 -5.58 7.70 24.87
C ASP A 86 -4.50 6.96 24.05
N PRO A 87 -3.68 7.71 23.27
CA PRO A 87 -2.60 7.14 22.47
C PRO A 87 -1.30 6.81 23.24
N THR A 88 -1.27 7.09 24.54
CA THR A 88 -0.10 6.86 25.38
C THR A 88 0.58 5.47 25.23
N PRO A 89 -0.20 4.37 25.31
CA PRO A 89 0.46 3.05 25.16
C PRO A 89 1.21 2.91 23.84
N ALA A 90 0.70 3.53 22.77
CA ALA A 90 1.36 3.47 21.46
C ALA A 90 2.59 4.38 21.37
N LEU A 91 2.60 5.47 22.14
CA LEU A 91 3.72 6.44 22.12
C LEU A 91 4.89 6.13 23.03
N GLU A 92 4.70 5.23 24.00
CA GLU A 92 5.76 4.91 24.96
C GLU A 92 7.03 4.35 24.32
N GLY A 93 8.14 5.05 24.52
CA GLY A 93 9.42 4.66 23.94
C GLY A 93 9.55 4.90 22.44
N ALA A 94 8.66 5.71 21.87
CA ALA A 94 8.69 5.97 20.42
C ALA A 94 9.88 6.82 20.01
N ASP A 95 10.51 6.41 18.92
CA ASP A 95 11.66 7.08 18.34
C ASP A 95 11.21 8.00 17.26
N VAL A 96 10.22 7.54 16.50
CA VAL A 96 9.64 8.28 15.41
C VAL A 96 8.14 8.23 15.57
N VAL A 97 7.52 9.40 15.47
CA VAL A 97 6.07 9.56 15.56
C VAL A 97 5.58 10.25 14.29
N LEU A 98 4.74 9.52 13.54
CA LEU A 98 4.14 9.98 12.28
C LEU A 98 2.68 10.30 12.51
N ILE A 99 2.32 11.56 12.34
CA ILE A 99 0.95 12.03 12.56
C ILE A 99 0.27 12.24 11.22
N SER A 100 -0.70 11.37 10.93
CA SER A 100 -1.46 11.41 9.69
C SER A 100 -2.95 11.39 9.99
N ALA A 101 -3.34 11.88 11.16
CA ALA A 101 -4.74 11.87 11.55
C ALA A 101 -5.44 13.09 10.98
N GLY A 102 -6.77 13.06 11.03
CA GLY A 102 -7.60 14.14 10.51
C GLY A 102 -8.06 13.85 9.09
N VAL A 103 -8.48 14.91 8.39
CA VAL A 103 -8.98 14.77 7.03
C VAL A 103 -8.03 15.29 5.96
N ALA A 104 -8.19 14.72 4.77
CA ALA A 104 -7.44 15.10 3.58
C ALA A 104 -8.43 15.86 2.69
N ARG A 105 -7.89 16.69 1.78
CA ARG A 105 -8.72 17.53 0.91
C ARG A 105 -9.78 16.72 0.15
N LYS A 106 -10.93 17.35 -0.10
CA LYS A 106 -12.06 16.74 -0.83
C LYS A 106 -12.90 17.89 -1.47
N PRO A 107 -13.81 17.57 -2.42
CA PRO A 107 -14.66 18.53 -3.13
C PRO A 107 -15.00 19.86 -2.45
N GLY A 108 -15.73 19.82 -1.33
CA GLY A 108 -16.13 21.02 -0.61
C GLY A 108 -15.01 21.67 0.19
N MET A 109 -14.02 20.88 0.58
CA MET A 109 -12.90 21.38 1.39
C MET A 109 -11.82 22.18 0.64
N ASP A 110 -11.67 23.45 1.03
CA ASP A 110 -10.61 24.32 0.51
C ASP A 110 -9.59 24.36 1.65
N ARG A 111 -8.62 25.28 1.55
CA ARG A 111 -7.62 25.49 2.62
C ARG A 111 -8.33 25.53 3.99
N SER A 112 -9.54 26.09 3.96
CA SER A 112 -10.41 26.27 5.10
C SER A 112 -10.73 25.01 5.91
N ASP A 113 -11.51 24.10 5.33
CA ASP A 113 -11.96 22.89 6.05
C ASP A 113 -10.89 21.97 6.63
N LEU A 114 -9.68 21.98 6.07
CA LEU A 114 -8.63 21.14 6.63
C LEU A 114 -8.21 21.70 7.96
N PHE A 115 -7.89 23.01 7.99
CA PHE A 115 -7.50 23.65 9.23
C PHE A 115 -8.65 23.56 10.26
N ASN A 116 -9.85 23.80 9.78
CA ASN A 116 -11.06 23.76 10.58
C ASN A 116 -11.14 22.49 11.46
N ILE A 117 -10.84 21.35 10.87
CA ILE A 117 -10.92 20.06 11.54
C ILE A 117 -9.61 19.55 12.12
N ASN A 118 -8.52 19.70 11.39
CA ASN A 118 -7.22 19.15 11.81
C ASN A 118 -6.43 19.94 12.87
N ALA A 119 -6.80 21.20 13.13
CA ALA A 119 -6.04 22.01 14.10
C ALA A 119 -6.15 21.42 15.49
N GLY A 120 -7.37 21.04 15.88
CA GLY A 120 -7.63 20.48 17.20
C GLY A 120 -7.02 19.12 17.35
N ILE A 121 -7.22 18.28 16.34
CA ILE A 121 -6.68 16.91 16.33
C ILE A 121 -5.16 16.93 16.57
N VAL A 122 -4.45 17.74 15.79
CA VAL A 122 -3.00 17.86 15.95
C VAL A 122 -2.64 18.27 17.37
N ARG A 123 -3.27 19.33 17.88
CA ARG A 123 -2.98 19.79 19.23
C ARG A 123 -3.17 18.66 20.23
N GLY A 124 -4.32 17.99 20.17
CA GLY A 124 -4.63 16.90 21.09
C GLY A 124 -3.54 15.84 21.12
N LEU A 125 -3.10 15.41 19.94
CA LEU A 125 -2.05 14.40 19.84
C LEU A 125 -0.66 14.90 20.29
N ILE A 126 -0.26 16.11 19.90
CA ILE A 126 1.05 16.65 20.31
C ILE A 126 1.15 16.81 21.83
N GLU A 127 0.04 17.07 22.50
CA GLU A 127 0.02 17.18 23.97
C GLU A 127 0.38 15.83 24.59
N LYS A 128 -0.05 14.76 23.94
CA LYS A 128 0.26 13.40 24.40
C LYS A 128 1.72 13.06 24.11
N VAL A 129 2.23 13.51 22.96
CA VAL A 129 3.61 13.29 22.60
C VAL A 129 4.54 14.03 23.56
N ALA A 130 4.22 15.26 23.91
CA ALA A 130 5.05 16.08 24.82
C ALA A 130 5.26 15.42 26.19
N VAL A 131 4.29 14.62 26.63
CA VAL A 131 4.37 13.96 27.93
C VAL A 131 5.09 12.62 27.85
N THR A 132 4.61 11.77 26.95
CA THR A 132 5.09 10.39 26.83
C THR A 132 6.43 10.12 26.12
N CYS A 133 6.66 10.76 24.97
CA CYS A 133 7.89 10.54 24.20
C CYS A 133 8.40 11.85 23.58
N PRO A 134 8.75 12.83 24.44
CA PRO A 134 9.22 14.15 23.98
C PRO A 134 10.51 14.16 23.15
N LYS A 135 11.31 13.11 23.24
CA LYS A 135 12.55 13.05 22.47
C LYS A 135 12.39 12.34 21.11
N ALA A 136 11.15 12.05 20.70
CA ALA A 136 10.92 11.41 19.41
C ALA A 136 11.02 12.42 18.28
N CYS A 137 11.35 11.94 17.08
CA CYS A 137 11.34 12.78 15.89
C CYS A 137 9.89 12.72 15.40
N VAL A 138 9.26 13.90 15.34
CA VAL A 138 7.87 14.03 14.96
C VAL A 138 7.69 14.50 13.52
N GLY A 139 6.98 13.67 12.76
CA GLY A 139 6.67 13.93 11.36
C GLY A 139 5.20 14.26 11.18
N ILE A 140 4.94 15.53 10.92
CA ILE A 140 3.59 16.03 10.71
C ILE A 140 3.20 15.88 9.24
N ILE A 141 2.30 14.93 8.98
CA ILE A 141 1.80 14.66 7.64
C ILE A 141 0.47 15.39 7.50
N THR A 142 -0.32 15.40 8.57
CA THR A 142 -1.62 16.06 8.61
C THR A 142 -1.55 17.53 8.14
N ASN A 143 -2.40 17.86 7.15
CA ASN A 143 -2.49 19.21 6.55
C ASN A 143 -3.48 20.20 7.24
N PRO A 144 -3.28 21.51 7.05
CA PRO A 144 -2.21 22.10 6.23
C PRO A 144 -0.86 22.20 6.97
N VAL A 145 0.11 21.46 6.46
CA VAL A 145 1.44 21.35 7.08
C VAL A 145 2.10 22.67 7.50
N ASN A 146 2.07 23.70 6.65
CA ASN A 146 2.70 24.99 6.99
C ASN A 146 2.23 25.52 8.34
N THR A 147 0.97 25.22 8.66
CA THR A 147 0.30 25.66 9.87
C THR A 147 0.30 24.63 11.00
N THR A 148 0.07 23.37 10.69
CA THR A 148 0.01 22.32 11.71
C THR A 148 1.33 22.07 12.44
N VAL A 149 2.44 22.35 11.76
CA VAL A 149 3.77 22.26 12.35
C VAL A 149 3.94 23.34 13.44
N ALA A 150 3.47 24.56 13.16
CA ALA A 150 3.56 25.68 14.14
C ALA A 150 2.71 25.33 15.38
N ILE A 151 1.57 24.69 15.14
CA ILE A 151 0.70 24.24 16.22
C ILE A 151 1.47 23.27 17.09
N ALA A 152 2.13 22.31 16.45
CA ALA A 152 2.89 21.31 17.19
C ALA A 152 3.98 21.98 18.00
N ALA A 153 4.71 22.90 17.38
CA ALA A 153 5.80 23.60 18.07
C ALA A 153 5.31 24.33 19.31
N GLU A 154 4.27 25.14 19.16
CA GLU A 154 3.76 25.88 20.31
C GLU A 154 3.29 24.97 21.43
N VAL A 155 2.66 23.85 21.09
CA VAL A 155 2.22 22.91 22.11
C VAL A 155 3.43 22.36 22.83
N LEU A 156 4.44 21.97 22.07
CA LEU A 156 5.69 21.44 22.66
C LEU A 156 6.34 22.47 23.58
N LYS A 157 6.33 23.75 23.17
CA LYS A 157 6.93 24.82 23.98
C LYS A 157 6.15 25.03 25.26
N LYS A 158 4.82 24.94 25.21
CA LYS A 158 4.03 25.06 26.45
C LYS A 158 4.37 23.99 27.45
N ALA A 159 4.67 22.78 26.97
CA ALA A 159 5.01 21.65 27.85
C ALA A 159 6.48 21.68 28.28
N GLY A 160 7.27 22.59 27.69
CA GLY A 160 8.68 22.74 28.03
C GLY A 160 9.63 21.68 27.49
N VAL A 161 9.28 21.09 26.36
CA VAL A 161 10.09 20.02 25.77
C VAL A 161 10.36 20.21 24.28
N TYR A 162 10.15 21.41 23.76
CA TYR A 162 10.35 21.62 22.32
C TYR A 162 11.80 21.52 21.91
N ASP A 163 12.05 20.66 20.93
CA ASP A 163 13.37 20.45 20.36
C ASP A 163 13.22 20.70 18.86
N LYS A 164 13.78 21.82 18.39
CA LYS A 164 13.74 22.21 16.97
C LYS A 164 14.28 21.13 16.03
N ARG A 165 15.21 20.31 16.50
CA ARG A 165 15.82 19.27 15.69
C ARG A 165 14.90 18.06 15.48
N LYS A 166 13.78 17.98 16.22
CA LYS A 166 12.89 16.80 16.14
C LYS A 166 11.48 17.04 15.60
N LEU A 167 11.23 18.21 15.02
CA LEU A 167 9.90 18.47 14.48
C LEU A 167 10.02 18.74 12.99
N PHE A 168 9.31 17.91 12.22
CA PHE A 168 9.34 17.98 10.78
C PHE A 168 7.95 18.05 10.14
N GLY A 169 7.87 18.90 9.11
CA GLY A 169 6.69 19.01 8.29
C GLY A 169 7.04 18.16 7.08
N VAL A 170 6.32 17.05 6.91
CA VAL A 170 6.54 16.09 5.82
C VAL A 170 6.11 16.68 4.48
N THR A 171 7.05 17.25 3.74
CA THR A 171 6.81 17.86 2.41
C THR A 171 7.14 16.92 1.23
N THR A 172 7.59 15.71 1.56
CA THR A 172 8.05 14.68 0.62
C THR A 172 7.16 14.38 -0.62
N LEU A 173 5.86 14.58 -0.51
CA LEU A 173 4.99 14.32 -1.67
C LEU A 173 5.28 15.30 -2.83
N ASP A 174 5.72 16.51 -2.51
CA ASP A 174 6.10 17.51 -3.51
C ASP A 174 7.34 17.04 -4.28
N VAL A 175 8.20 16.29 -3.58
CA VAL A 175 9.43 15.75 -4.14
C VAL A 175 9.07 14.59 -5.07
N LEU A 176 8.27 13.61 -4.61
CA LEU A 176 7.83 12.51 -5.51
C LEU A 176 7.25 13.09 -6.80
N ARG A 177 6.32 14.03 -6.65
CA ARG A 177 5.70 14.67 -7.79
C ARG A 177 6.68 15.36 -8.71
N SER A 178 7.63 16.09 -8.14
CA SER A 178 8.62 16.83 -8.95
C SER A 178 9.53 15.85 -9.68
N GLU A 179 9.92 14.79 -8.98
CA GLU A 179 10.80 13.78 -9.59
C GLU A 179 10.06 13.09 -10.74
N THR A 180 8.80 12.73 -10.48
CA THR A 180 7.98 12.07 -11.46
C THR A 180 7.74 12.93 -12.71
N PHE A 181 7.29 14.17 -12.53
CA PHE A 181 7.02 15.02 -13.70
C PHE A 181 8.28 15.43 -14.45
N VAL A 182 9.38 15.67 -13.73
CA VAL A 182 10.63 16.07 -14.37
C VAL A 182 11.21 14.92 -15.19
N ALA A 183 11.20 13.73 -14.62
CA ALA A 183 11.73 12.56 -15.33
C ALA A 183 10.96 12.27 -16.65
N GLU A 184 9.65 12.43 -16.62
CA GLU A 184 8.81 12.19 -17.79
C GLU A 184 9.07 13.20 -18.88
N LEU A 185 9.07 14.47 -18.50
CA LEU A 185 9.24 15.56 -19.41
C LEU A 185 10.63 15.66 -20.06
N LYS A 186 11.67 15.30 -19.31
CA LYS A 186 13.05 15.41 -19.81
C LYS A 186 13.71 14.08 -20.13
N GLY A 187 12.95 12.97 -20.06
CA GLY A 187 13.50 11.66 -20.37
C GLY A 187 14.68 11.26 -19.48
N LEU A 188 14.48 11.35 -18.17
CA LEU A 188 15.50 10.98 -17.20
C LEU A 188 15.05 9.76 -16.42
N ASN A 189 15.97 9.14 -15.69
CA ASN A 189 15.66 7.99 -14.91
C ASN A 189 14.78 8.45 -13.76
N VAL A 190 13.51 8.02 -13.80
CA VAL A 190 12.53 8.43 -12.78
C VAL A 190 12.94 8.08 -11.35
N SER A 191 13.71 7.01 -11.17
CA SER A 191 14.11 6.60 -9.81
C SER A 191 15.47 7.13 -9.37
N ARG A 192 16.15 7.90 -10.22
CA ARG A 192 17.43 8.50 -9.88
C ARG A 192 17.52 9.91 -10.44
N THR A 193 16.51 10.72 -10.12
CA THR A 193 16.45 12.11 -10.53
C THR A 193 16.12 12.88 -9.28
N SER A 194 17.08 13.63 -8.77
CA SER A 194 16.89 14.42 -7.57
C SER A 194 16.39 15.81 -7.95
N VAL A 195 15.32 16.25 -7.29
CA VAL A 195 14.78 17.57 -7.51
C VAL A 195 14.57 18.25 -6.16
N PRO A 196 15.37 19.29 -5.85
CA PRO A 196 15.16 19.98 -4.57
C PRO A 196 13.86 20.79 -4.61
N VAL A 197 13.10 20.76 -3.53
CA VAL A 197 11.88 21.54 -3.42
C VAL A 197 11.97 22.31 -2.10
N ILE A 198 11.72 23.61 -2.15
CA ILE A 198 11.81 24.42 -0.94
C ILE A 198 10.55 25.24 -0.66
N GLY A 199 10.51 25.86 0.51
CA GLY A 199 9.39 26.71 0.95
C GLY A 199 8.41 26.03 1.88
N GLY A 200 7.18 25.92 1.42
CA GLY A 200 6.09 25.29 2.18
C GLY A 200 5.53 24.12 1.43
N HIS A 201 4.45 23.54 1.95
CA HIS A 201 3.80 22.36 1.39
C HIS A 201 2.46 22.67 0.74
N SER A 202 2.26 23.92 0.32
CA SER A 202 0.98 24.31 -0.27
C SER A 202 1.03 25.49 -1.26
N GLY A 203 0.28 25.35 -2.36
CA GLY A 203 0.16 26.40 -3.38
C GLY A 203 1.45 27.09 -3.79
N VAL A 204 1.47 28.41 -3.73
CA VAL A 204 2.68 29.16 -4.16
C VAL A 204 3.86 28.99 -3.21
N THR A 205 3.65 28.33 -2.06
CA THR A 205 4.77 28.11 -1.14
C THR A 205 5.64 26.94 -1.57
N ILE A 206 5.14 26.08 -2.47
CA ILE A 206 5.89 24.92 -2.97
C ILE A 206 6.76 25.42 -4.14
N LEU A 207 8.08 25.34 -3.98
CA LEU A 207 9.03 25.82 -5.01
C LEU A 207 10.07 24.76 -5.40
N PRO A 208 9.81 24.00 -6.49
CA PRO A 208 10.79 23.02 -6.93
C PRO A 208 11.89 23.76 -7.66
N LEU A 209 13.14 23.45 -7.30
CA LEU A 209 14.29 24.09 -7.90
C LEU A 209 14.72 23.36 -9.16
N LEU A 210 13.95 23.61 -10.23
CA LEU A 210 14.24 22.99 -11.52
C LEU A 210 15.64 23.29 -12.05
N SER A 211 16.16 24.49 -11.78
CA SER A 211 17.50 24.87 -12.27
C SER A 211 18.64 24.04 -11.69
N GLN A 212 18.40 23.34 -10.58
CA GLN A 212 19.43 22.50 -9.96
C GLN A 212 19.41 21.04 -10.42
N VAL A 213 18.45 20.69 -11.29
CA VAL A 213 18.32 19.30 -11.78
C VAL A 213 19.39 19.02 -12.85
N GLN A 214 20.09 17.90 -12.68
CA GLN A 214 21.13 17.54 -13.62
C GLN A 214 20.57 16.91 -14.89
N TYR A 215 21.30 17.12 -16.00
CA TYR A 215 20.98 16.56 -17.34
C TYR A 215 19.69 17.05 -17.98
N ALA A 216 19.25 18.24 -17.59
CA ALA A 216 18.06 18.85 -18.12
C ALA A 216 18.37 20.27 -18.62
N LYS A 217 18.10 20.53 -19.89
CA LYS A 217 18.26 21.88 -20.45
C LYS A 217 16.84 22.44 -20.56
N TRP A 218 16.61 23.54 -19.86
CA TRP A 218 15.30 24.16 -19.79
C TRP A 218 15.03 25.35 -20.70
N ASN A 219 13.99 25.25 -21.51
CA ASN A 219 13.52 26.38 -22.28
C ASN A 219 12.72 27.18 -21.24
N GLU A 220 12.79 28.51 -21.29
CA GLU A 220 12.06 29.38 -20.37
C GLU A 220 10.54 29.06 -20.42
N ASP A 221 10.13 28.60 -21.59
CA ASP A 221 8.76 28.15 -21.91
C ASP A 221 8.16 27.11 -20.95
N GLU A 222 8.95 26.09 -20.62
CA GLU A 222 8.50 24.96 -19.77
C GLU A 222 8.63 25.12 -18.25
N ILE A 223 9.33 26.17 -17.81
CA ILE A 223 9.54 26.42 -16.38
C ILE A 223 8.26 26.77 -15.61
N GLU A 224 7.50 27.72 -16.15
CA GLU A 224 6.28 28.17 -15.47
C GLU A 224 5.19 27.05 -15.45
N PRO A 225 4.92 26.37 -16.58
CA PRO A 225 3.91 25.30 -16.53
C PRO A 225 4.30 24.12 -15.65
N LEU A 226 5.56 23.71 -15.64
CA LEU A 226 5.98 22.57 -14.81
C LEU A 226 5.82 22.90 -13.34
N THR A 227 6.29 24.09 -12.95
CA THR A 227 6.16 24.56 -11.57
C THR A 227 4.70 24.60 -11.14
N LYS A 228 3.87 25.14 -12.02
CA LYS A 228 2.46 25.25 -11.69
C LYS A 228 1.83 23.84 -11.56
N ARG A 229 2.27 22.88 -12.37
CA ARG A 229 1.74 21.52 -12.31
C ARG A 229 2.13 20.81 -11.00
N ILE A 230 3.35 21.09 -10.54
CA ILE A 230 3.85 20.52 -9.29
C ILE A 230 3.03 21.09 -8.13
N GLN A 231 2.89 22.42 -8.13
CA GLN A 231 2.12 23.16 -7.11
C GLN A 231 0.64 22.71 -7.04
N ASN A 232 0.03 22.45 -8.20
CA ASN A 232 -1.40 22.07 -8.26
C ASN A 232 -1.68 20.58 -8.47
N ALA A 233 -0.67 19.75 -8.30
CA ALA A 233 -0.79 18.31 -8.52
C ALA A 233 -1.98 17.64 -7.80
N GLY A 234 -2.30 18.10 -6.60
CA GLY A 234 -3.40 17.57 -5.80
C GLY A 234 -4.74 17.70 -6.50
N THR A 235 -4.87 18.75 -7.30
CA THR A 235 -6.08 19.02 -8.07
C THR A 235 -6.26 18.02 -9.22
N GLU A 236 -5.16 17.52 -9.79
CA GLU A 236 -5.26 16.53 -10.86
C GLU A 236 -5.95 15.28 -10.29
N VAL A 237 -5.60 14.94 -9.04
CA VAL A 237 -6.19 13.77 -8.39
C VAL A 237 -7.64 14.05 -8.02
N LEU A 238 -7.85 15.20 -7.39
CA LEU A 238 -9.18 15.62 -6.94
C LEU A 238 -10.20 15.66 -8.10
N ASN A 239 -9.76 16.05 -9.30
CA ASN A 239 -10.64 16.10 -10.50
C ASN A 239 -10.75 14.75 -11.21
N ALA A 240 -9.70 13.94 -11.17
CA ALA A 240 -9.74 12.62 -11.77
C ALA A 240 -10.57 11.69 -10.88
N LYS A 241 -10.48 11.90 -9.56
CA LYS A 241 -11.29 11.12 -8.61
C LYS A 241 -12.77 11.51 -8.61
N ALA A 242 -13.17 12.34 -9.56
CA ALA A 242 -14.56 12.81 -9.68
C ALA A 242 -15.01 13.39 -8.34
N GLY A 243 -14.07 14.11 -7.71
CA GLY A 243 -14.28 14.72 -6.41
C GLY A 243 -13.90 13.78 -5.28
N GLY A 244 -14.75 12.77 -5.05
CA GLY A 244 -14.61 11.79 -3.98
C GLY A 244 -13.29 11.10 -3.72
N GLY A 245 -12.33 11.84 -3.17
CA GLY A 245 -11.01 11.31 -2.84
C GLY A 245 -9.85 12.24 -3.17
N SER A 246 -8.77 12.10 -2.40
CA SER A 246 -7.56 12.91 -2.56
C SER A 246 -6.39 11.97 -2.85
N ALA A 247 -5.18 12.51 -2.80
CA ALA A 247 -3.97 11.74 -3.04
C ALA A 247 -3.61 10.93 -1.79
N THR A 248 -4.33 9.84 -1.57
CA THR A 248 -4.12 8.98 -0.41
C THR A 248 -2.89 8.08 -0.51
N LEU A 249 -2.81 7.37 -1.63
CA LEU A 249 -1.75 6.41 -1.89
C LEU A 249 -0.35 7.05 -2.06
N SER A 250 -0.25 8.12 -2.84
CA SER A 250 1.05 8.81 -3.00
C SER A 250 1.45 9.48 -1.68
N MET A 251 0.49 10.01 -0.93
CA MET A 251 0.80 10.61 0.40
C MET A 251 1.38 9.58 1.34
N ALA A 252 0.84 8.35 1.31
CA ALA A 252 1.35 7.28 2.18
C ALA A 252 2.78 6.93 1.77
N GLN A 253 3.04 6.83 0.46
CA GLN A 253 4.39 6.51 0.00
C GLN A 253 5.35 7.64 0.36
N ALA A 254 4.91 8.89 0.23
CA ALA A 254 5.77 10.05 0.58
C ALA A 254 6.12 10.00 2.06
N ALA A 255 5.13 9.69 2.89
CA ALA A 255 5.33 9.57 4.34
C ALA A 255 6.27 8.41 4.68
N ALA A 256 6.09 7.25 4.03
CA ALA A 256 6.95 6.07 4.28
C ALA A 256 8.38 6.35 3.89
N ARG A 257 8.56 7.05 2.77
CA ARG A 257 9.91 7.44 2.33
C ARG A 257 10.57 8.36 3.34
N PHE A 258 9.81 9.30 3.89
CA PHE A 258 10.37 10.23 4.88
C PHE A 258 10.69 9.51 6.17
N ALA A 259 9.76 8.64 6.59
CA ALA A 259 9.95 7.84 7.79
C ALA A 259 11.22 7.00 7.62
N ARG A 260 11.38 6.43 6.43
CA ARG A 260 12.53 5.60 6.16
C ARG A 260 13.83 6.42 6.31
N SER A 261 13.82 7.65 5.79
CA SER A 261 15.00 8.54 5.90
C SER A 261 15.28 8.89 7.36
N LEU A 262 14.23 9.13 8.13
CA LEU A 262 14.41 9.42 9.58
C LEU A 262 15.06 8.26 10.32
N VAL A 263 14.55 7.06 10.11
CA VAL A 263 15.08 5.86 10.75
C VAL A 263 16.55 5.66 10.38
N LYS A 264 16.91 5.93 9.12
CA LYS A 264 18.29 5.81 8.67
C LYS A 264 19.18 6.84 9.38
N GLY A 265 18.71 8.08 9.48
CA GLY A 265 19.46 9.13 10.18
C GLY A 265 19.68 8.72 11.63
N LEU A 266 18.60 8.27 12.29
CA LEU A 266 18.70 7.81 13.69
C LEU A 266 19.60 6.59 13.84
N SER A 267 19.72 5.78 12.79
CA SER A 267 20.59 4.61 12.85
C SER A 267 22.05 4.93 12.44
N GLY A 268 22.37 6.21 12.23
CA GLY A 268 23.73 6.60 11.86
C GLY A 268 24.03 6.68 10.37
N GLU A 269 23.06 6.37 9.52
CA GLU A 269 23.25 6.45 8.08
C GLU A 269 22.84 7.84 7.61
N THR A 270 23.80 8.60 7.08
CA THR A 270 23.56 9.95 6.58
C THR A 270 22.68 9.99 5.33
N VAL A 271 21.62 10.79 5.40
CA VAL A 271 20.66 11.00 4.30
C VAL A 271 20.28 12.47 4.30
N VAL A 272 19.97 13.00 3.13
CA VAL A 272 19.55 14.38 3.02
C VAL A 272 18.16 14.44 2.37
N GLU A 273 17.24 15.12 3.06
CA GLU A 273 15.87 15.29 2.60
C GLU A 273 15.45 16.72 2.73
N CYS A 274 14.66 17.18 1.76
CA CYS A 274 14.07 18.50 1.82
C CYS A 274 12.87 18.33 2.76
N THR A 275 12.84 19.12 3.84
CA THR A 275 11.76 19.03 4.82
C THR A 275 11.54 20.35 5.54
N TYR A 276 10.31 20.52 6.02
CA TYR A 276 9.88 21.75 6.69
C TYR A 276 10.28 21.73 8.17
N VAL A 277 11.17 22.64 8.54
CA VAL A 277 11.70 22.73 9.89
C VAL A 277 11.96 24.17 10.35
N GLU A 278 12.16 24.34 11.65
CA GLU A 278 12.44 25.65 12.22
C GLU A 278 13.93 25.91 12.05
N GLY A 279 14.27 26.66 11.00
CA GLY A 279 15.65 26.96 10.68
C GLY A 279 16.17 28.26 11.23
N ASP A 280 17.00 28.92 10.42
CA ASP A 280 17.60 30.20 10.82
C ASP A 280 16.61 31.37 10.67
N GLY A 281 15.44 31.09 10.11
CA GLY A 281 14.41 32.10 9.94
C GLY A 281 14.74 33.19 8.94
N LYS A 282 15.65 32.91 8.00
CA LYS A 282 16.05 33.89 6.98
C LYS A 282 14.86 34.33 6.10
N TYR A 283 13.95 33.40 5.83
CA TYR A 283 12.78 33.68 5.00
C TYR A 283 11.50 33.57 5.82
N ALA A 284 11.44 32.57 6.70
CA ALA A 284 10.27 32.34 7.55
C ALA A 284 10.68 31.48 8.75
N ARG A 285 9.98 31.65 9.87
CA ARG A 285 10.31 30.87 11.08
C ARG A 285 10.49 29.39 10.74
N PHE A 286 9.51 28.85 10.02
CA PHE A 286 9.55 27.47 9.53
C PHE A 286 9.73 27.53 8.03
N PHE A 287 10.54 26.63 7.48
CA PHE A 287 10.83 26.63 6.07
C PHE A 287 11.42 25.29 5.66
N SER A 288 11.01 24.80 4.50
CA SER A 288 11.49 23.53 3.98
C SER A 288 12.71 23.78 3.12
N GLN A 289 13.73 22.96 3.33
CA GLN A 289 15.00 23.08 2.61
C GLN A 289 15.78 21.79 2.82
N PRO A 290 16.94 21.63 2.14
CA PRO A 290 17.68 20.39 2.36
C PRO A 290 18.18 20.30 3.79
N VAL A 291 17.96 19.15 4.41
CA VAL A 291 18.36 18.89 5.78
C VAL A 291 19.15 17.58 5.85
N ARG A 292 20.30 17.59 6.51
CA ARG A 292 21.07 16.38 6.75
C ARG A 292 20.49 15.77 8.05
N LEU A 293 19.95 14.56 7.95
CA LEU A 293 19.34 13.86 9.11
C LEU A 293 20.37 13.02 9.83
N GLY A 294 20.24 12.95 11.15
CA GLY A 294 21.18 12.21 11.97
C GLY A 294 20.58 11.66 13.25
N LYS A 295 21.45 11.40 14.23
CA LYS A 295 21.04 10.79 15.50
C LYS A 295 20.12 11.62 16.39
N GLU A 296 20.09 12.93 16.19
CA GLU A 296 19.21 13.80 16.97
C GLU A 296 18.05 14.33 16.12
N GLY A 297 17.87 13.74 14.94
CA GLY A 297 16.87 14.21 13.99
C GLY A 297 17.68 15.10 13.05
N VAL A 298 17.45 16.41 13.09
CA VAL A 298 18.22 17.36 12.26
C VAL A 298 19.66 17.37 12.72
N GLU A 299 20.59 17.23 11.79
CA GLU A 299 22.01 17.30 12.12
C GLU A 299 22.54 18.61 11.58
N GLU A 300 22.10 18.97 10.38
CA GLU A 300 22.44 20.27 9.81
C GLU A 300 21.44 20.67 8.72
N ILE A 301 20.99 21.92 8.81
CA ILE A 301 20.08 22.51 7.86
C ILE A 301 20.97 23.14 6.80
N LEU A 302 20.91 22.60 5.59
CA LEU A 302 21.76 23.03 4.48
C LEU A 302 21.18 24.19 3.70
N PRO A 303 22.06 25.02 3.11
CA PRO A 303 21.59 26.16 2.30
C PRO A 303 20.81 25.70 1.09
N ILE A 304 19.95 26.58 0.56
CA ILE A 304 19.13 26.25 -0.62
C ILE A 304 19.96 26.21 -1.91
N GLY A 305 21.16 26.80 -1.89
CA GLY A 305 22.03 26.77 -3.08
C GLY A 305 21.61 27.82 -4.08
N PRO A 306 22.30 27.88 -5.24
CA PRO A 306 22.01 28.94 -6.22
C PRO A 306 20.68 28.79 -6.95
N LEU A 307 19.93 29.90 -7.01
CA LEU A 307 18.60 30.00 -7.64
C LEU A 307 18.55 30.79 -8.94
N SER A 308 17.68 30.37 -9.85
CA SER A 308 17.48 31.09 -11.12
C SER A 308 16.70 32.37 -10.82
N ASN A 309 16.69 33.32 -11.75
CA ASN A 309 15.91 34.55 -11.54
C ASN A 309 14.44 34.19 -11.22
N PHE A 310 13.88 33.27 -12.00
CA PHE A 310 12.52 32.80 -11.82
C PHE A 310 12.30 32.29 -10.41
N GLU A 311 13.16 31.38 -9.98
CA GLU A 311 13.05 30.76 -8.66
C GLU A 311 13.22 31.77 -7.54
N GLN A 312 14.12 32.72 -7.77
CA GLN A 312 14.39 33.80 -6.81
C GLN A 312 13.11 34.61 -6.58
N GLN A 313 12.45 34.98 -7.68
CA GLN A 313 11.22 35.76 -7.62
C GLN A 313 10.09 34.95 -7.00
N ALA A 314 9.97 33.66 -7.35
CA ALA A 314 8.91 32.80 -6.76
C ALA A 314 9.05 32.76 -5.23
N LEU A 315 10.29 32.73 -4.75
CA LEU A 315 10.59 32.70 -3.31
C LEU A 315 10.10 33.98 -2.60
N GLU A 316 10.50 35.13 -3.11
CA GLU A 316 10.08 36.41 -2.52
C GLU A 316 8.57 36.56 -2.54
N ASN A 317 7.96 36.08 -3.61
CA ASN A 317 6.51 36.16 -3.78
C ASN A 317 5.72 35.23 -2.83
N MET A 318 6.30 34.14 -2.34
CA MET A 318 5.57 33.24 -1.42
C MET A 318 5.65 33.69 0.05
N LEU A 319 6.70 34.43 0.41
CA LEU A 319 6.96 34.81 1.83
C LEU A 319 5.74 35.24 2.66
N PRO A 320 5.00 36.27 2.23
CA PRO A 320 3.85 36.68 3.04
C PRO A 320 2.86 35.53 3.28
N THR A 321 2.57 34.73 2.26
CA THR A 321 1.63 33.59 2.41
C THR A 321 2.14 32.57 3.42
N LEU A 322 3.44 32.29 3.33
CA LEU A 322 4.06 31.32 4.22
C LEU A 322 4.05 31.81 5.68
N ARG A 323 4.45 33.06 5.89
CA ARG A 323 4.48 33.65 7.22
C ARG A 323 3.10 33.68 7.84
N ALA A 324 2.10 34.01 7.03
CA ALA A 324 0.74 34.07 7.51
C ALA A 324 0.21 32.66 7.87
N ASP A 325 0.66 31.62 7.14
CA ASP A 325 0.23 30.22 7.45
C ASP A 325 0.77 29.79 8.82
N ILE A 326 1.97 30.27 9.13
CA ILE A 326 2.64 29.98 10.40
C ILE A 326 1.95 30.73 11.54
N GLU A 327 1.72 32.02 11.33
CA GLU A 327 1.07 32.84 12.34
C GLU A 327 -0.32 32.29 12.71
N LEU A 328 -0.98 31.65 11.76
CA LEU A 328 -2.28 31.03 11.98
C LEU A 328 -2.16 29.88 13.02
N GLY A 329 -1.11 29.06 12.90
CA GLY A 329 -0.86 27.94 13.83
C GLY A 329 -0.40 28.41 15.20
N GLU A 330 0.43 29.44 15.23
CA GLU A 330 0.92 30.03 16.48
C GLU A 330 -0.24 30.60 17.30
N LYS A 331 -1.07 31.39 16.64
CA LYS A 331 -2.21 32.04 17.27
C LYS A 331 -3.28 31.03 17.75
N PHE A 332 -3.37 29.87 17.11
CA PHE A 332 -4.34 28.86 17.54
C PHE A 332 -4.04 28.36 18.96
N ILE A 333 -2.77 28.30 19.30
CA ILE A 333 -2.32 27.85 20.63
C ILE A 333 -2.11 29.03 21.61
N ASN A 334 -1.44 30.08 21.14
CA ASN A 334 -1.15 31.26 21.96
C ASN A 334 -2.24 32.32 22.03
N GLY A 335 -3.30 32.17 21.23
CA GLY A 335 -4.41 33.13 21.21
C GLY A 335 -4.04 34.44 20.51
N ASN B 17 17.58 -14.49 -35.90
CA ASN B 17 16.90 -13.71 -34.83
C ASN B 17 17.50 -14.07 -33.45
N LEU B 18 18.74 -13.63 -33.23
CA LEU B 18 19.50 -13.91 -32.01
C LEU B 18 19.53 -12.76 -31.00
N TYR B 19 19.52 -11.54 -31.51
CA TYR B 19 19.59 -10.33 -30.69
C TYR B 19 18.35 -9.99 -29.85
N PHE B 20 18.40 -8.77 -29.33
CA PHE B 20 17.38 -8.09 -28.51
C PHE B 20 15.92 -8.47 -28.78
N GLN B 21 15.15 -8.62 -27.69
CA GLN B 21 13.72 -8.95 -27.76
C GLN B 21 13.02 -8.12 -26.68
N SER B 22 12.26 -7.10 -27.08
CA SER B 22 11.55 -6.23 -26.12
C SER B 22 10.42 -6.94 -25.36
N ASN B 23 9.75 -6.22 -24.46
CA ASN B 23 8.66 -6.79 -23.66
C ASN B 23 7.79 -5.66 -23.09
N ALA B 24 6.55 -5.52 -23.59
CA ALA B 24 5.60 -4.48 -23.14
C ALA B 24 4.57 -5.11 -22.19
N MET B 25 5.06 -5.70 -21.10
CA MET B 25 4.22 -6.41 -20.12
C MET B 25 3.08 -5.55 -19.58
N LYS B 26 1.86 -6.10 -19.56
CA LYS B 26 0.68 -5.36 -19.08
C LYS B 26 -0.15 -6.10 -18.02
N VAL B 27 -0.40 -5.42 -16.91
CA VAL B 27 -1.18 -5.94 -15.81
C VAL B 27 -2.42 -5.07 -15.60
N ALA B 28 -3.60 -5.71 -15.57
CA ALA B 28 -4.87 -5.03 -15.35
C ALA B 28 -5.51 -5.48 -14.03
N VAL B 29 -6.06 -4.52 -13.29
CA VAL B 29 -6.73 -4.77 -12.01
C VAL B 29 -8.17 -4.35 -12.16
N LEU B 30 -9.08 -5.33 -12.08
CA LEU B 30 -10.51 -5.08 -12.14
C LEU B 30 -11.01 -5.11 -10.69
N GLY B 31 -11.50 -3.96 -10.21
CA GLY B 31 -11.95 -3.77 -8.83
C GLY B 31 -10.92 -2.91 -8.09
N ALA B 32 -10.31 -1.97 -8.80
CA ALA B 32 -9.27 -1.09 -8.24
C ALA B 32 -9.73 0.04 -7.34
N ALA B 33 -11.02 0.13 -7.05
CA ALA B 33 -11.50 1.21 -6.18
C ALA B 33 -11.71 0.75 -4.75
N GLY B 34 -11.90 -0.55 -4.52
CA GLY B 34 -12.11 -1.05 -3.14
C GLY B 34 -10.89 -0.99 -2.23
N GLY B 35 -11.04 -1.50 -1.01
CA GLY B 35 -9.92 -1.51 -0.06
C GLY B 35 -8.72 -2.31 -0.59
N ILE B 36 -9.00 -3.51 -1.05
CA ILE B 36 -7.97 -4.37 -1.62
C ILE B 36 -7.37 -3.73 -2.88
N GLY B 37 -8.23 -3.30 -3.79
CA GLY B 37 -7.83 -2.74 -5.06
C GLY B 37 -6.88 -1.57 -4.99
N GLN B 38 -7.19 -0.61 -4.14
CA GLN B 38 -6.35 0.58 -3.98
C GLN B 38 -4.99 0.26 -3.40
N ALA B 39 -4.97 -0.59 -2.37
CA ALA B 39 -3.71 -1.00 -1.77
C ALA B 39 -2.89 -1.80 -2.81
N LEU B 40 -3.57 -2.64 -3.58
CA LEU B 40 -2.95 -3.45 -4.62
C LEU B 40 -2.33 -2.61 -5.73
N ALA B 41 -3.04 -1.56 -6.16
CA ALA B 41 -2.51 -0.65 -7.20
C ALA B 41 -1.27 0.08 -6.70
N LEU B 42 -1.22 0.35 -5.39
CA LEU B 42 -0.08 1.03 -4.79
C LEU B 42 1.13 0.12 -4.82
N LEU B 43 0.91 -1.12 -4.37
CA LEU B 43 1.97 -2.12 -4.31
C LEU B 43 2.47 -2.47 -5.72
N LEU B 44 1.56 -2.57 -6.67
CA LEU B 44 1.97 -2.90 -8.04
C LEU B 44 2.78 -1.74 -8.66
N LYS B 45 2.44 -0.51 -8.33
CA LYS B 45 3.20 0.65 -8.82
C LYS B 45 4.62 0.58 -8.28
N LEU B 46 4.76 0.08 -7.05
CA LEU B 46 6.06 -0.01 -6.37
C LEU B 46 6.87 -1.25 -6.67
N GLN B 47 6.19 -2.37 -6.90
CA GLN B 47 6.85 -3.68 -7.09
C GLN B 47 7.00 -4.19 -8.52
N LEU B 48 6.13 -3.77 -9.44
CA LEU B 48 6.22 -4.29 -10.83
C LEU B 48 7.50 -3.83 -11.50
N PRO B 49 8.05 -4.66 -12.42
CA PRO B 49 9.28 -4.28 -13.10
C PRO B 49 9.13 -3.03 -13.98
N ALA B 50 10.23 -2.30 -14.14
CA ALA B 50 10.27 -1.10 -14.95
C ALA B 50 9.76 -1.39 -16.36
N GLY B 51 8.89 -0.52 -16.87
CA GLY B 51 8.33 -0.68 -18.22
C GLY B 51 7.00 -1.41 -18.26
N THR B 52 6.57 -1.99 -17.13
CA THR B 52 5.28 -2.68 -17.11
C THR B 52 4.18 -1.64 -17.14
N ASP B 53 3.10 -1.93 -17.85
CA ASP B 53 1.93 -1.06 -17.91
C ASP B 53 0.94 -1.61 -16.90
N LEU B 54 0.30 -0.69 -16.17
CA LEU B 54 -0.68 -1.05 -15.14
C LEU B 54 -2.00 -0.36 -15.46
N SER B 55 -3.05 -1.15 -15.66
CA SER B 55 -4.38 -0.63 -15.95
C SER B 55 -5.30 -0.91 -14.77
N LEU B 56 -5.99 0.14 -14.33
CA LEU B 56 -6.92 0.05 -13.21
C LEU B 56 -8.34 0.30 -13.71
N TYR B 57 -9.27 -0.54 -13.27
CA TYR B 57 -10.66 -0.40 -13.65
C TYR B 57 -11.60 -0.80 -12.52
N ASP B 58 -12.72 -0.08 -12.43
CA ASP B 58 -13.81 -0.39 -11.50
C ASP B 58 -14.97 0.49 -11.94
N ILE B 59 -16.21 0.01 -11.76
CA ILE B 59 -17.39 0.81 -12.13
C ILE B 59 -17.40 2.14 -11.36
N ALA B 60 -16.91 2.13 -10.13
CA ALA B 60 -16.86 3.35 -9.31
C ALA B 60 -16.10 4.44 -10.07
N PRO B 61 -16.70 5.64 -10.17
CA PRO B 61 -16.08 6.73 -10.95
C PRO B 61 -14.78 7.27 -10.40
N VAL B 62 -14.43 6.91 -9.17
CA VAL B 62 -13.18 7.39 -8.56
C VAL B 62 -11.92 6.80 -9.21
N THR B 63 -12.06 5.62 -9.83
CA THR B 63 -10.96 4.87 -10.40
C THR B 63 -9.90 5.65 -11.21
N PRO B 64 -10.31 6.48 -12.20
CA PRO B 64 -9.30 7.26 -12.93
C PRO B 64 -8.40 8.06 -12.00
N GLY B 65 -8.98 8.59 -10.93
CA GLY B 65 -8.24 9.37 -9.95
C GLY B 65 -7.34 8.53 -9.05
N VAL B 66 -7.69 7.25 -8.87
CA VAL B 66 -6.86 6.35 -8.09
C VAL B 66 -5.59 6.19 -8.90
N ALA B 67 -5.73 6.00 -10.20
CA ALA B 67 -4.59 5.89 -11.09
C ALA B 67 -3.74 7.18 -11.10
N VAL B 68 -4.37 8.34 -11.09
CA VAL B 68 -3.59 9.61 -11.10
C VAL B 68 -2.79 9.73 -9.80
N ASP B 69 -3.38 9.24 -8.72
CA ASP B 69 -2.76 9.21 -7.39
C ASP B 69 -1.44 8.40 -7.44
N VAL B 70 -1.53 7.14 -7.85
CA VAL B 70 -0.35 6.29 -7.92
C VAL B 70 0.63 6.71 -9.00
N SER B 71 0.15 7.39 -10.06
CA SER B 71 1.05 7.86 -11.11
C SER B 71 2.04 8.92 -10.61
N HIS B 72 1.80 9.50 -9.43
CA HIS B 72 2.73 10.52 -8.87
C HIS B 72 3.91 9.91 -8.11
N ILE B 73 3.90 8.60 -7.98
CA ILE B 73 4.99 7.88 -7.34
C ILE B 73 6.08 7.66 -8.40
N PRO B 74 7.33 8.10 -8.10
CA PRO B 74 8.39 7.97 -9.11
C PRO B 74 8.96 6.56 -9.40
N THR B 75 8.19 5.74 -10.13
CA THR B 75 8.69 4.44 -10.58
C THR B 75 8.37 4.37 -12.07
N ALA B 76 9.16 3.59 -12.80
CA ALA B 76 8.98 3.40 -14.24
C ALA B 76 7.83 2.42 -14.58
N VAL B 77 6.69 2.57 -13.92
CA VAL B 77 5.51 1.75 -14.18
C VAL B 77 4.43 2.72 -14.61
N ASN B 78 3.95 2.56 -15.84
CA ASN B 78 2.95 3.46 -16.39
C ASN B 78 1.58 2.99 -15.95
N VAL B 79 0.80 3.91 -15.37
CA VAL B 79 -0.51 3.56 -14.84
C VAL B 79 -1.62 4.44 -15.40
N LYS B 80 -2.71 3.79 -15.80
CA LYS B 80 -3.90 4.43 -16.32
C LYS B 80 -5.12 3.83 -15.64
N GLY B 81 -6.12 4.69 -15.40
CA GLY B 81 -7.36 4.30 -14.73
C GLY B 81 -8.55 4.47 -15.64
N PHE B 82 -9.54 3.60 -15.46
CA PHE B 82 -10.75 3.57 -16.28
C PHE B 82 -11.99 3.27 -15.43
N SER B 83 -13.12 3.89 -15.79
CA SER B 83 -14.38 3.70 -15.09
C SER B 83 -15.49 3.46 -16.14
N GLY B 84 -16.75 3.55 -15.71
CA GLY B 84 -17.85 3.30 -16.60
C GLY B 84 -18.17 1.81 -16.65
N GLU B 85 -19.11 1.44 -17.50
CA GLU B 85 -19.57 0.05 -17.64
C GLU B 85 -18.67 -0.80 -18.54
N ASP B 86 -17.75 -0.16 -19.27
CA ASP B 86 -16.88 -0.86 -20.23
C ASP B 86 -15.38 -0.98 -19.83
N PRO B 87 -14.96 -2.16 -19.33
CA PRO B 87 -13.55 -2.37 -18.97
C PRO B 87 -12.61 -2.62 -20.16
N THR B 88 -13.14 -2.67 -21.38
CA THR B 88 -12.34 -2.91 -22.60
C THR B 88 -10.99 -2.20 -22.65
N PRO B 89 -10.97 -0.85 -22.58
CA PRO B 89 -9.67 -0.14 -22.64
C PRO B 89 -8.64 -0.62 -21.62
N ALA B 90 -9.12 -1.06 -20.45
CA ALA B 90 -8.26 -1.56 -19.39
C ALA B 90 -7.65 -2.93 -19.69
N LEU B 91 -8.40 -3.77 -20.41
CA LEU B 91 -8.01 -5.14 -20.77
C LEU B 91 -7.22 -5.29 -22.07
N GLU B 92 -7.26 -4.28 -22.94
CA GLU B 92 -6.56 -4.36 -24.24
C GLU B 92 -5.07 -4.65 -24.05
N GLY B 93 -4.59 -5.73 -24.66
CA GLY B 93 -3.19 -6.15 -24.57
C GLY B 93 -2.73 -6.69 -23.22
N ALA B 94 -3.65 -6.86 -22.27
CA ALA B 94 -3.30 -7.33 -20.92
C ALA B 94 -2.75 -8.75 -20.89
N ASP B 95 -1.66 -8.92 -20.14
CA ASP B 95 -1.00 -10.22 -19.95
C ASP B 95 -1.47 -10.85 -18.65
N VAL B 96 -1.79 -9.99 -17.67
CA VAL B 96 -2.27 -10.44 -16.37
C VAL B 96 -3.48 -9.62 -15.98
N VAL B 97 -4.55 -10.31 -15.59
CA VAL B 97 -5.78 -9.69 -15.16
C VAL B 97 -6.07 -10.17 -13.73
N LEU B 98 -6.14 -9.24 -12.78
CA LEU B 98 -6.40 -9.56 -11.39
C LEU B 98 -7.78 -9.06 -11.08
N ILE B 99 -8.66 -9.95 -10.61
CA ILE B 99 -10.03 -9.57 -10.32
C ILE B 99 -10.30 -9.55 -8.81
N SER B 100 -10.37 -8.34 -8.25
CA SER B 100 -10.66 -8.09 -6.83
C SER B 100 -11.95 -7.29 -6.66
N ALA B 101 -12.81 -7.31 -7.68
CA ALA B 101 -14.07 -6.56 -7.62
C ALA B 101 -15.07 -7.32 -6.76
N GLY B 102 -16.23 -6.71 -6.52
CA GLY B 102 -17.28 -7.31 -5.69
C GLY B 102 -17.27 -6.73 -4.28
N VAL B 103 -17.60 -7.56 -3.29
CA VAL B 103 -17.67 -7.12 -1.89
C VAL B 103 -17.05 -8.13 -0.88
N ALA B 104 -16.58 -7.62 0.24
CA ALA B 104 -15.98 -8.45 1.31
C ALA B 104 -17.04 -9.19 2.14
N PRO B 107 -18.88 -7.82 6.34
CA PRO B 107 -19.44 -7.33 7.60
C PRO B 107 -20.95 -7.06 7.53
N GLY B 108 -21.72 -7.79 8.34
CA GLY B 108 -23.19 -7.65 8.36
C GLY B 108 -23.89 -8.19 7.13
N MET B 109 -23.41 -9.33 6.62
CA MET B 109 -23.99 -9.98 5.42
C MET B 109 -23.79 -11.50 5.44
N ASP B 110 -24.84 -12.24 5.08
CA ASP B 110 -24.75 -13.71 5.02
C ASP B 110 -23.97 -14.11 3.77
N ARG B 111 -23.17 -15.17 3.86
CA ARG B 111 -22.38 -15.64 2.71
C ARG B 111 -23.18 -15.84 1.42
N SER B 112 -24.46 -16.21 1.55
CA SER B 112 -25.34 -16.41 0.40
C SER B 112 -25.84 -15.04 -0.12
N ASP B 113 -25.91 -14.07 0.78
CA ASP B 113 -26.36 -12.72 0.43
C ASP B 113 -25.32 -12.01 -0.49
N LEU B 114 -24.01 -12.17 -0.18
CA LEU B 114 -22.93 -11.57 -1.01
C LEU B 114 -22.84 -12.27 -2.36
N PHE B 115 -22.59 -13.58 -2.29
CA PHE B 115 -22.44 -14.47 -3.45
C PHE B 115 -23.22 -14.10 -4.69
N ASN B 116 -24.52 -13.82 -4.52
CA ASN B 116 -25.38 -13.46 -5.67
C ASN B 116 -24.90 -12.17 -6.32
N ILE B 117 -24.42 -11.23 -5.51
CA ILE B 117 -23.89 -9.96 -6.01
C ILE B 117 -22.56 -10.20 -6.72
N ASN B 118 -21.61 -10.83 -6.02
CA ASN B 118 -20.27 -11.12 -6.55
C ASN B 118 -20.20 -12.09 -7.74
N ALA B 119 -20.99 -13.15 -7.70
CA ALA B 119 -21.02 -14.14 -8.78
C ALA B 119 -21.36 -13.46 -10.11
N GLY B 120 -22.31 -12.53 -10.07
CA GLY B 120 -22.73 -11.79 -11.24
C GLY B 120 -21.62 -10.88 -11.74
N ILE B 121 -20.97 -10.17 -10.83
CA ILE B 121 -19.90 -9.24 -11.21
C ILE B 121 -18.73 -9.99 -11.85
N VAL B 122 -18.41 -11.17 -11.33
CA VAL B 122 -17.31 -11.98 -11.87
C VAL B 122 -17.66 -12.42 -13.28
N ARG B 123 -18.89 -12.89 -13.45
CA ARG B 123 -19.37 -13.32 -14.77
C ARG B 123 -19.24 -12.21 -15.79
N GLY B 124 -19.75 -11.04 -15.42
CA GLY B 124 -19.71 -9.89 -16.30
C GLY B 124 -18.31 -9.53 -16.72
N LEU B 125 -17.38 -9.56 -15.77
CA LEU B 125 -15.99 -9.20 -16.06
C LEU B 125 -15.27 -10.27 -16.91
N ILE B 126 -15.52 -11.55 -16.63
CA ILE B 126 -14.89 -12.62 -17.40
C ILE B 126 -15.38 -12.64 -18.84
N GLU B 127 -16.66 -12.27 -19.05
CA GLU B 127 -17.24 -12.17 -20.40
C GLU B 127 -16.44 -11.20 -21.27
N LYS B 128 -15.97 -10.11 -20.68
CA LYS B 128 -15.17 -9.09 -21.37
C LYS B 128 -13.75 -9.56 -21.59
N VAL B 129 -13.21 -10.27 -20.59
CA VAL B 129 -11.86 -10.83 -20.65
C VAL B 129 -11.79 -11.80 -21.82
N ALA B 130 -12.77 -12.69 -21.93
CA ALA B 130 -12.82 -13.68 -23.00
C ALA B 130 -12.79 -13.04 -24.39
N VAL B 131 -13.42 -11.89 -24.52
CA VAL B 131 -13.46 -11.20 -25.79
C VAL B 131 -12.21 -10.37 -26.06
N THR B 132 -11.81 -9.55 -25.08
CA THR B 132 -10.68 -8.63 -25.24
C THR B 132 -9.27 -9.20 -25.08
N CYS B 133 -9.04 -10.02 -24.05
CA CYS B 133 -7.72 -10.59 -23.80
C CYS B 133 -7.79 -12.04 -23.31
N PRO B 134 -8.29 -12.95 -24.16
CA PRO B 134 -8.47 -14.38 -23.78
C PRO B 134 -7.19 -15.15 -23.44
N LYS B 135 -6.04 -14.71 -23.95
CA LYS B 135 -4.77 -15.38 -23.66
C LYS B 135 -4.06 -14.83 -22.42
N ALA B 136 -4.76 -14.02 -21.63
CA ALA B 136 -4.18 -13.46 -20.40
C ALA B 136 -4.29 -14.44 -19.24
N CYS B 137 -3.40 -14.30 -18.28
CA CYS B 137 -3.44 -15.12 -17.06
C CYS B 137 -4.41 -14.42 -16.11
N VAL B 138 -5.43 -15.14 -15.66
CA VAL B 138 -6.45 -14.54 -14.81
C VAL B 138 -6.41 -15.02 -13.36
N GLY B 139 -6.13 -14.08 -12.46
CA GLY B 139 -6.08 -14.34 -11.02
C GLY B 139 -7.32 -13.82 -10.33
N ILE B 140 -8.15 -14.74 -9.82
CA ILE B 140 -9.38 -14.40 -9.12
C ILE B 140 -9.12 -14.24 -7.61
N ILE B 141 -9.37 -13.03 -7.13
CA ILE B 141 -9.19 -12.68 -5.74
C ILE B 141 -10.56 -12.65 -5.09
N THR B 142 -11.54 -12.09 -5.80
CA THR B 142 -12.93 -12.01 -5.34
C THR B 142 -13.43 -13.34 -4.74
N ASN B 143 -13.95 -13.27 -3.52
CA ASN B 143 -14.48 -14.46 -2.80
C ASN B 143 -15.94 -14.77 -3.09
N PRO B 144 -16.39 -16.02 -2.89
CA PRO B 144 -15.57 -17.16 -2.45
C PRO B 144 -14.79 -17.74 -3.63
N VAL B 145 -13.47 -17.67 -3.55
CA VAL B 145 -12.56 -18.13 -4.62
C VAL B 145 -12.79 -19.56 -5.09
N ASN B 146 -13.10 -20.47 -4.18
CA ASN B 146 -13.37 -21.84 -4.57
C ASN B 146 -14.43 -21.91 -5.65
N THR B 147 -15.39 -20.99 -5.56
CA THR B 147 -16.54 -20.90 -6.43
C THR B 147 -16.39 -19.92 -7.58
N THR B 148 -15.94 -18.71 -7.30
CA THR B 148 -15.80 -17.70 -8.35
C THR B 148 -14.92 -18.18 -9.49
N VAL B 149 -13.96 -19.05 -9.20
CA VAL B 149 -13.05 -19.60 -10.21
C VAL B 149 -13.79 -20.55 -11.14
N ALA B 150 -14.66 -21.40 -10.60
CA ALA B 150 -15.46 -22.29 -11.42
C ALA B 150 -16.31 -21.44 -12.37
N ILE B 151 -16.84 -20.33 -11.83
CA ILE B 151 -17.66 -19.41 -12.61
C ILE B 151 -16.90 -18.86 -13.83
N ALA B 152 -15.69 -18.37 -13.58
CA ALA B 152 -14.88 -17.80 -14.64
C ALA B 152 -14.57 -18.86 -15.68
N ALA B 153 -14.27 -20.07 -15.23
CA ALA B 153 -13.95 -21.16 -16.15
C ALA B 153 -15.11 -21.45 -17.10
N GLU B 154 -16.34 -21.44 -16.59
CA GLU B 154 -17.52 -21.71 -17.41
C GLU B 154 -17.83 -20.57 -18.38
N VAL B 155 -17.57 -19.33 -17.96
CA VAL B 155 -17.81 -18.16 -18.82
C VAL B 155 -16.82 -18.21 -19.97
N LEU B 156 -15.55 -18.49 -19.67
CA LEU B 156 -14.52 -18.60 -20.69
C LEU B 156 -14.85 -19.76 -21.67
N LYS B 157 -15.37 -20.87 -21.13
CA LYS B 157 -15.70 -22.01 -21.99
C LYS B 157 -16.83 -21.66 -22.97
N LYS B 158 -17.81 -20.88 -22.54
CA LYS B 158 -18.89 -20.45 -23.42
C LYS B 158 -18.38 -19.68 -24.63
N ALA B 159 -17.25 -18.97 -24.46
CA ALA B 159 -16.65 -18.20 -25.55
C ALA B 159 -15.60 -19.02 -26.31
N GLY B 160 -15.46 -20.31 -25.96
CA GLY B 160 -14.49 -21.18 -26.59
C GLY B 160 -13.02 -20.83 -26.37
N VAL B 161 -12.73 -20.11 -25.29
CA VAL B 161 -11.36 -19.69 -24.98
C VAL B 161 -10.85 -20.14 -23.60
N TYR B 162 -11.52 -21.09 -22.94
CA TYR B 162 -11.02 -21.52 -21.64
C TYR B 162 -9.72 -22.31 -21.75
N ASP B 163 -8.67 -21.77 -21.13
CA ASP B 163 -7.33 -22.36 -21.11
C ASP B 163 -6.95 -22.66 -19.65
N LYS B 164 -6.94 -23.95 -19.28
CA LYS B 164 -6.59 -24.42 -17.92
C LYS B 164 -5.32 -23.78 -17.32
N ARG B 165 -4.34 -23.54 -18.18
CA ARG B 165 -3.06 -22.97 -17.78
C ARG B 165 -3.13 -21.49 -17.41
N LYS B 166 -4.26 -20.83 -17.67
CA LYS B 166 -4.34 -19.39 -17.43
C LYS B 166 -5.39 -18.89 -16.43
N LEU B 167 -6.03 -19.80 -15.70
CA LEU B 167 -7.03 -19.41 -14.71
C LEU B 167 -6.56 -19.85 -13.32
N PHE B 168 -6.47 -18.89 -12.42
CA PHE B 168 -5.99 -19.17 -11.08
C PHE B 168 -6.87 -18.59 -9.98
N GLY B 169 -6.98 -19.33 -8.88
CA GLY B 169 -7.63 -18.85 -7.68
C GLY B 169 -6.48 -18.38 -6.80
N VAL B 170 -6.44 -17.09 -6.46
CA VAL B 170 -5.34 -16.54 -5.64
C VAL B 170 -5.51 -16.96 -4.18
N THR B 171 -4.69 -17.91 -3.72
CA THR B 171 -4.74 -18.39 -2.35
C THR B 171 -3.55 -17.89 -1.52
N THR B 172 -2.72 -17.08 -2.16
CA THR B 172 -1.51 -16.54 -1.58
C THR B 172 -1.63 -16.01 -0.15
N LEU B 173 -2.78 -15.45 0.23
CA LEU B 173 -2.94 -14.92 1.59
C LEU B 173 -2.84 -16.03 2.66
N ASP B 174 -3.33 -17.24 2.34
CA ASP B 174 -3.23 -18.36 3.28
C ASP B 174 -1.75 -18.70 3.46
N VAL B 175 -0.98 -18.51 2.40
CA VAL B 175 0.45 -18.77 2.43
C VAL B 175 1.16 -17.72 3.32
N LEU B 176 0.88 -16.43 3.12
CA LEU B 176 1.49 -15.38 3.95
C LEU B 176 1.17 -15.62 5.42
N ARG B 177 -0.08 -15.94 5.70
CA ARG B 177 -0.51 -16.22 7.07
C ARG B 177 0.22 -17.41 7.63
N SER B 178 0.36 -18.44 6.81
CA SER B 178 1.05 -19.66 7.24
C SER B 178 2.52 -19.39 7.51
N GLU B 179 3.15 -18.62 6.63
CA GLU B 179 4.55 -18.27 6.81
C GLU B 179 4.75 -17.49 8.08
N THR B 180 3.89 -16.51 8.30
CA THR B 180 3.98 -15.65 9.47
C THR B 180 3.72 -16.40 10.80
N PHE B 181 2.62 -17.15 10.89
CA PHE B 181 2.35 -17.86 12.15
C PHE B 181 3.45 -18.86 12.48
N VAL B 182 3.87 -19.66 11.49
CA VAL B 182 4.91 -20.67 11.69
C VAL B 182 6.23 -20.04 12.10
N ALA B 183 6.69 -19.04 11.35
CA ALA B 183 7.96 -18.36 11.67
C ALA B 183 8.00 -17.83 13.10
N GLU B 184 6.93 -17.17 13.51
CA GLU B 184 6.84 -16.59 14.86
C GLU B 184 6.68 -17.65 15.95
N LEU B 185 5.98 -18.74 15.67
CA LEU B 185 5.80 -19.78 16.69
C LEU B 185 7.06 -20.63 16.89
N LYS B 186 7.81 -20.88 15.83
CA LYS B 186 8.99 -21.77 15.91
C LYS B 186 10.37 -21.10 15.76
N GLY B 187 10.43 -19.77 15.90
CA GLY B 187 11.70 -19.04 15.81
C GLY B 187 12.48 -19.21 14.52
N LEU B 188 11.78 -19.20 13.39
CA LEU B 188 12.42 -19.36 12.08
C LEU B 188 12.51 -17.98 11.44
N ASN B 189 13.20 -17.88 10.32
CA ASN B 189 13.30 -16.59 9.61
C ASN B 189 11.97 -16.35 8.90
N VAL B 190 11.21 -15.35 9.34
CA VAL B 190 9.89 -15.04 8.75
C VAL B 190 9.86 -14.80 7.23
N SER B 191 10.92 -14.18 6.68
CA SER B 191 10.96 -13.92 5.23
C SER B 191 11.62 -15.06 4.46
N ARG B 192 11.96 -16.16 5.14
CA ARG B 192 12.62 -17.29 4.49
C ARG B 192 12.04 -18.63 4.99
N THR B 193 10.75 -18.64 5.25
CA THR B 193 10.08 -19.84 5.74
C THR B 193 9.02 -20.22 4.73
N SER B 194 9.19 -21.37 4.10
CA SER B 194 8.24 -21.84 3.09
C SER B 194 7.23 -22.80 3.69
N VAL B 195 5.94 -22.53 3.48
CA VAL B 195 4.86 -23.37 3.99
C VAL B 195 3.88 -23.64 2.87
N PRO B 196 3.84 -24.89 2.37
CA PRO B 196 2.88 -25.22 1.34
C PRO B 196 1.46 -25.22 1.89
N VAL B 197 0.51 -24.71 1.11
CA VAL B 197 -0.88 -24.70 1.52
C VAL B 197 -1.67 -25.31 0.36
N ILE B 198 -2.36 -26.41 0.62
CA ILE B 198 -3.11 -27.06 -0.43
C ILE B 198 -4.61 -27.00 -0.17
N GLY B 199 -5.39 -27.48 -1.16
CA GLY B 199 -6.84 -27.54 -1.08
C GLY B 199 -7.58 -26.35 -1.68
N GLY B 200 -8.36 -25.69 -0.82
CA GLY B 200 -9.16 -24.53 -1.18
C GLY B 200 -8.73 -23.28 -0.44
N HIS B 201 -9.54 -22.24 -0.59
CA HIS B 201 -9.25 -20.92 -0.02
C HIS B 201 -10.18 -20.54 1.10
N SER B 202 -11.01 -21.48 1.57
CA SER B 202 -11.97 -21.16 2.62
C SER B 202 -12.14 -22.24 3.70
N GLY B 203 -12.13 -21.81 4.97
CA GLY B 203 -12.34 -22.71 6.13
C GLY B 203 -11.61 -24.05 6.13
N VAL B 204 -12.37 -25.15 6.29
CA VAL B 204 -11.77 -26.50 6.31
C VAL B 204 -10.98 -26.85 5.04
N THR B 205 -11.25 -26.15 3.93
CA THR B 205 -10.51 -26.43 2.68
C THR B 205 -9.08 -25.89 2.69
N ILE B 206 -8.76 -24.97 3.60
CA ILE B 206 -7.40 -24.46 3.67
C ILE B 206 -6.59 -25.48 4.46
N LEU B 207 -5.61 -26.10 3.82
CA LEU B 207 -4.77 -27.12 4.45
C LEU B 207 -3.27 -26.78 4.38
N PRO B 208 -2.72 -26.19 5.47
CA PRO B 208 -1.30 -25.89 5.49
C PRO B 208 -0.55 -27.18 5.79
N LEU B 209 0.49 -27.48 5.00
CA LEU B 209 1.29 -28.70 5.20
C LEU B 209 2.46 -28.42 6.15
N LEU B 210 2.13 -28.42 7.43
CA LEU B 210 3.06 -28.13 8.51
C LEU B 210 4.19 -29.15 8.64
N SER B 211 3.91 -30.39 8.27
CA SER B 211 4.88 -31.47 8.33
C SER B 211 6.01 -31.33 7.30
N GLN B 212 5.79 -30.55 6.24
CA GLN B 212 6.83 -30.34 5.23
C GLN B 212 7.66 -29.07 5.50
N VAL B 213 7.48 -28.46 6.67
CA VAL B 213 8.22 -27.25 7.06
C VAL B 213 9.59 -27.61 7.65
N GLN B 214 10.65 -27.13 7.02
CA GLN B 214 12.00 -27.41 7.53
C GLN B 214 12.24 -26.72 8.86
N TYR B 215 13.10 -27.32 9.68
CA TYR B 215 13.54 -26.80 10.97
C TYR B 215 12.47 -26.58 12.06
N ALA B 216 11.33 -27.26 11.92
CA ALA B 216 10.26 -27.13 12.91
C ALA B 216 9.92 -28.51 13.44
N LYS B 217 10.06 -28.67 14.73
CA LYS B 217 9.74 -29.92 15.41
C LYS B 217 8.37 -29.70 16.04
N TRP B 218 7.38 -30.48 15.60
CA TRP B 218 6.03 -30.36 16.10
C TRP B 218 5.65 -31.39 17.12
N ASN B 219 5.01 -30.96 18.20
CA ASN B 219 4.43 -31.88 19.16
C ASN B 219 3.06 -32.05 18.53
N GLU B 220 2.50 -33.26 18.58
CA GLU B 220 1.20 -33.53 17.96
C GLU B 220 0.10 -32.55 18.36
N ASP B 221 0.14 -32.10 19.61
CA ASP B 221 -0.89 -31.19 20.13
C ASP B 221 -0.87 -29.74 19.59
N GLU B 222 0.19 -29.36 18.88
CA GLU B 222 0.28 -27.98 18.32
C GLU B 222 -0.35 -27.85 16.93
N ILE B 223 -0.55 -28.99 16.27
CA ILE B 223 -1.04 -29.06 14.88
C ILE B 223 -2.46 -28.53 14.64
N GLU B 224 -3.41 -29.08 15.39
CA GLU B 224 -4.82 -28.72 15.33
C GLU B 224 -5.05 -27.21 15.55
N PRO B 225 -4.62 -26.67 16.72
CA PRO B 225 -4.86 -25.22 16.93
C PRO B 225 -4.18 -24.32 15.90
N LEU B 226 -2.97 -24.66 15.46
CA LEU B 226 -2.27 -23.82 14.44
C LEU B 226 -2.97 -23.94 13.08
N THR B 227 -3.41 -25.15 12.71
CA THR B 227 -4.12 -25.33 11.47
C THR B 227 -5.43 -24.53 11.51
N LYS B 228 -6.12 -24.59 12.65
CA LYS B 228 -7.34 -23.80 12.83
C LYS B 228 -7.07 -22.31 12.84
N ARG B 229 -5.92 -21.89 13.37
CA ARG B 229 -5.60 -20.46 13.32
C ARG B 229 -5.50 -19.96 11.89
N ILE B 230 -4.89 -20.76 11.03
CA ILE B 230 -4.70 -20.41 9.60
C ILE B 230 -6.04 -20.38 8.86
N GLN B 231 -6.87 -21.40 9.13
CA GLN B 231 -8.20 -21.53 8.53
C GLN B 231 -9.19 -20.44 8.95
N ASN B 232 -9.03 -19.94 10.18
CA ASN B 232 -9.93 -18.95 10.75
C ASN B 232 -9.33 -17.54 10.81
N ALA B 233 -8.18 -17.32 10.17
CA ALA B 233 -7.51 -16.02 10.16
C ALA B 233 -8.40 -14.88 9.66
N GLY B 234 -9.19 -15.16 8.63
CA GLY B 234 -10.12 -14.16 8.05
C GLY B 234 -11.10 -13.62 9.07
N THR B 235 -11.69 -14.53 9.83
CA THR B 235 -12.62 -14.20 10.88
C THR B 235 -11.94 -13.40 11.98
N GLU B 236 -10.72 -13.78 12.36
CA GLU B 236 -10.01 -13.02 13.39
C GLU B 236 -9.78 -11.57 12.97
N VAL B 237 -9.53 -11.33 11.67
CA VAL B 237 -9.36 -9.95 11.20
C VAL B 237 -10.75 -9.28 11.18
N LEU B 238 -11.75 -10.02 10.74
CA LEU B 238 -13.15 -9.54 10.67
C LEU B 238 -13.64 -9.08 12.05
N ASN B 239 -13.39 -9.90 13.07
CA ASN B 239 -13.78 -9.55 14.44
C ASN B 239 -12.93 -8.40 14.98
N ALA B 240 -11.62 -8.45 14.73
CA ALA B 240 -10.70 -7.41 15.22
C ALA B 240 -11.00 -6.04 14.63
N LYS B 241 -11.55 -6.00 13.42
CA LYS B 241 -11.91 -4.72 12.81
C LYS B 241 -13.25 -4.15 13.35
N ALA B 242 -13.84 -4.84 14.33
CA ALA B 242 -15.10 -4.42 14.98
C ALA B 242 -16.22 -4.18 13.96
N GLY B 243 -16.33 -5.07 12.99
CA GLY B 243 -17.33 -4.97 11.93
C GLY B 243 -17.02 -3.84 10.95
N GLY B 244 -15.75 -3.47 10.85
CA GLY B 244 -15.32 -2.41 9.95
C GLY B 244 -14.70 -2.93 8.67
N GLY B 245 -14.84 -4.23 8.41
CA GLY B 245 -14.30 -4.82 7.20
C GLY B 245 -13.52 -6.12 7.41
N SER B 246 -13.10 -6.69 6.29
CA SER B 246 -12.33 -7.92 6.26
C SER B 246 -10.87 -7.54 5.96
N ALA B 247 -9.99 -8.53 5.77
CA ALA B 247 -8.58 -8.26 5.50
C ALA B 247 -8.43 -7.60 4.14
N THR B 248 -7.73 -6.47 4.09
CA THR B 248 -7.53 -5.74 2.84
C THR B 248 -6.06 -5.49 2.54
N LEU B 249 -5.32 -5.02 3.54
CA LEU B 249 -3.88 -4.72 3.38
C LEU B 249 -3.00 -5.96 3.10
N SER B 250 -3.11 -6.99 3.96
CA SER B 250 -2.37 -8.23 3.74
C SER B 250 -2.84 -8.91 2.47
N MET B 251 -4.11 -8.74 2.13
CA MET B 251 -4.66 -9.36 0.91
C MET B 251 -4.06 -8.69 -0.33
N ALA B 252 -3.88 -7.37 -0.30
CA ALA B 252 -3.27 -6.66 -1.43
C ALA B 252 -1.86 -7.17 -1.63
N GLN B 253 -1.10 -7.32 -0.53
CA GLN B 253 0.29 -7.81 -0.62
C GLN B 253 0.35 -9.26 -1.13
N ALA B 254 -0.63 -10.10 -0.75
CA ALA B 254 -0.69 -11.47 -1.25
C ALA B 254 -0.89 -11.43 -2.76
N ALA B 255 -1.82 -10.60 -3.19
CA ALA B 255 -2.10 -10.43 -4.61
C ALA B 255 -0.90 -9.89 -5.36
N ALA B 256 -0.19 -8.93 -4.76
CA ALA B 256 0.98 -8.32 -5.42
C ALA B 256 2.06 -9.37 -5.63
N ARG B 257 2.25 -10.22 -4.63
CA ARG B 257 3.22 -11.30 -4.70
C ARG B 257 2.85 -12.32 -5.79
N PHE B 258 1.56 -12.65 -5.90
CA PHE B 258 1.13 -13.59 -6.91
C PHE B 258 1.27 -12.97 -8.30
N ALA B 259 0.92 -11.70 -8.43
CA ALA B 259 1.07 -11.02 -9.73
C ALA B 259 2.54 -10.96 -10.13
N ARG B 260 3.40 -10.71 -9.16
CA ARG B 260 4.84 -10.62 -9.40
C ARG B 260 5.36 -11.98 -9.89
N SER B 261 4.82 -13.08 -9.32
CA SER B 261 5.18 -14.44 -9.73
C SER B 261 4.70 -14.76 -11.14
N LEU B 262 3.48 -14.34 -11.47
CA LEU B 262 2.98 -14.55 -12.83
C LEU B 262 3.85 -13.78 -13.82
N VAL B 263 4.19 -12.52 -13.52
CA VAL B 263 5.03 -11.72 -14.41
C VAL B 263 6.41 -12.37 -14.57
N LYS B 264 6.94 -12.99 -13.52
CA LYS B 264 8.24 -13.66 -13.64
C LYS B 264 8.16 -14.85 -14.57
N GLY B 265 7.20 -15.73 -14.33
CA GLY B 265 7.03 -16.91 -15.16
C GLY B 265 6.86 -16.58 -16.64
N LEU B 266 6.04 -15.59 -16.92
CA LEU B 266 5.82 -15.14 -18.29
C LEU B 266 7.09 -14.59 -18.90
N SER B 267 7.92 -13.96 -18.06
CA SER B 267 9.18 -13.37 -18.48
C SER B 267 10.32 -14.39 -18.59
N GLY B 268 10.02 -15.66 -18.34
CA GLY B 268 11.04 -16.71 -18.43
C GLY B 268 11.77 -17.01 -17.14
N GLU B 269 11.25 -16.56 -16.00
CA GLU B 269 11.91 -16.82 -14.72
C GLU B 269 11.09 -17.83 -13.95
N THR B 270 11.64 -19.02 -13.75
CA THR B 270 10.94 -20.09 -13.03
C THR B 270 10.63 -19.75 -11.57
N VAL B 271 9.37 -19.87 -11.19
CA VAL B 271 8.93 -19.68 -9.81
C VAL B 271 7.89 -20.75 -9.51
N VAL B 272 7.65 -21.01 -8.23
CA VAL B 272 6.66 -21.99 -7.81
C VAL B 272 5.76 -21.29 -6.79
N GLU B 273 4.45 -21.42 -6.97
CA GLU B 273 3.44 -20.82 -6.10
C GLU B 273 2.28 -21.79 -5.85
N CYS B 274 1.82 -21.89 -4.60
CA CYS B 274 0.65 -22.70 -4.30
C CYS B 274 -0.54 -21.88 -4.81
N THR B 275 -1.34 -22.45 -5.71
CA THR B 275 -2.48 -21.73 -6.28
C THR B 275 -3.57 -22.68 -6.77
N TYR B 276 -4.79 -22.18 -6.76
CA TYR B 276 -5.99 -22.95 -7.11
C TYR B 276 -6.20 -23.03 -8.63
N VAL B 277 -6.00 -24.22 -9.18
CA VAL B 277 -6.12 -24.43 -10.61
C VAL B 277 -6.80 -25.76 -10.97
N GLU B 278 -7.15 -25.90 -12.24
CA GLU B 278 -7.76 -27.13 -12.74
C GLU B 278 -6.60 -28.04 -13.13
N GLY B 279 -6.32 -29.00 -12.25
CA GLY B 279 -5.23 -29.94 -12.42
C GLY B 279 -5.69 -31.32 -12.81
N ASP B 280 -5.01 -32.34 -12.29
CA ASP B 280 -5.33 -33.74 -12.59
C ASP B 280 -6.69 -34.21 -12.12
N GLY B 281 -7.32 -33.47 -11.21
CA GLY B 281 -8.64 -33.81 -10.70
C GLY B 281 -8.65 -35.04 -9.80
N LYS B 282 -7.51 -35.30 -9.16
CA LYS B 282 -7.39 -36.44 -8.27
C LYS B 282 -8.33 -36.30 -7.03
N TYR B 283 -8.46 -35.05 -6.56
CA TYR B 283 -9.28 -34.73 -5.39
C TYR B 283 -10.54 -33.92 -5.75
N ALA B 284 -10.35 -32.93 -6.62
CA ALA B 284 -11.45 -32.08 -7.08
C ALA B 284 -11.06 -31.41 -8.40
N ARG B 285 -12.05 -31.02 -9.19
CA ARG B 285 -11.80 -30.38 -10.50
C ARG B 285 -10.76 -29.25 -10.33
N PHE B 286 -11.03 -28.35 -9.37
CA PHE B 286 -10.11 -27.26 -9.02
C PHE B 286 -9.53 -27.58 -7.66
N PHE B 287 -8.23 -27.43 -7.53
CA PHE B 287 -7.54 -27.73 -6.30
C PHE B 287 -6.26 -26.92 -6.24
N SER B 288 -5.91 -26.44 -5.05
CA SER B 288 -4.69 -25.64 -4.90
C SER B 288 -3.51 -26.53 -4.51
N GLN B 289 -2.39 -26.34 -5.20
CA GLN B 289 -1.17 -27.11 -4.96
C GLN B 289 0.03 -26.38 -5.57
N PRO B 290 1.24 -26.94 -5.38
CA PRO B 290 2.40 -26.26 -5.97
C PRO B 290 2.34 -26.26 -7.48
N VAL B 291 2.65 -25.12 -8.09
CA VAL B 291 2.59 -24.97 -9.53
C VAL B 291 3.80 -24.20 -10.02
N ARG B 292 4.54 -24.81 -10.95
CA ARG B 292 5.66 -24.12 -11.55
C ARG B 292 5.05 -23.23 -12.63
N LEU B 293 5.27 -21.92 -12.51
CA LEU B 293 4.74 -20.95 -13.47
C LEU B 293 5.72 -20.71 -14.61
N GLY B 294 5.19 -20.43 -15.79
CA GLY B 294 5.99 -20.19 -16.98
C GLY B 294 5.34 -19.27 -18.00
N LYS B 295 5.83 -19.36 -19.23
CA LYS B 295 5.37 -18.50 -20.34
C LYS B 295 3.92 -18.67 -20.79
N GLU B 296 3.26 -19.75 -20.38
CA GLU B 296 1.85 -20.01 -20.76
C GLU B 296 0.95 -20.01 -19.51
N GLY B 297 1.51 -19.58 -18.39
CA GLY B 297 0.83 -19.58 -17.10
C GLY B 297 1.36 -20.80 -16.39
N VAL B 298 0.53 -21.83 -16.27
CA VAL B 298 0.94 -23.07 -15.65
C VAL B 298 1.92 -23.75 -16.58
N GLU B 299 3.08 -24.14 -16.06
CA GLU B 299 4.08 -24.88 -16.85
C GLU B 299 3.96 -26.35 -16.39
N GLU B 300 3.88 -26.57 -15.08
CA GLU B 300 3.66 -27.91 -14.55
C GLU B 300 3.08 -27.83 -13.13
N ILE B 301 2.10 -28.69 -12.87
CA ILE B 301 1.42 -28.77 -11.59
C ILE B 301 2.12 -29.88 -10.84
N LEU B 302 2.87 -29.49 -9.82
CA LEU B 302 3.67 -30.44 -9.03
C LEU B 302 2.83 -31.19 -7.99
N PRO B 303 3.31 -32.36 -7.54
CA PRO B 303 2.54 -33.11 -6.54
C PRO B 303 2.65 -32.49 -5.15
N ILE B 304 1.61 -32.72 -4.36
CA ILE B 304 1.52 -32.21 -3.00
C ILE B 304 2.63 -32.74 -2.09
N GLY B 305 3.23 -33.87 -2.47
CA GLY B 305 4.29 -34.48 -1.67
C GLY B 305 3.69 -35.30 -0.53
N PRO B 306 4.54 -35.81 0.38
CA PRO B 306 4.06 -36.63 1.51
C PRO B 306 3.30 -35.84 2.58
N LEU B 307 2.25 -36.47 3.09
CA LEU B 307 1.41 -35.86 4.11
C LEU B 307 1.51 -36.64 5.41
N SER B 308 1.30 -35.96 6.52
CA SER B 308 1.25 -36.61 7.82
C SER B 308 -0.14 -37.26 7.93
N ASN B 309 -0.37 -38.09 8.95
CA ASN B 309 -1.70 -38.71 9.13
C ASN B 309 -2.78 -37.61 9.29
N PHE B 310 -2.44 -36.56 10.04
CA PHE B 310 -3.36 -35.46 10.28
C PHE B 310 -3.74 -34.76 9.00
N GLU B 311 -2.75 -34.52 8.14
CA GLU B 311 -2.99 -33.81 6.87
C GLU B 311 -3.81 -34.66 5.91
N GLN B 312 -3.53 -35.96 5.89
CA GLN B 312 -4.26 -36.88 5.03
C GLN B 312 -5.73 -36.89 5.43
N GLN B 313 -5.98 -36.91 6.73
CA GLN B 313 -7.35 -36.90 7.25
C GLN B 313 -8.02 -35.56 6.93
N ALA B 314 -7.33 -34.46 7.21
CA ALA B 314 -7.87 -33.14 6.90
C ALA B 314 -8.24 -33.03 5.41
N LEU B 315 -7.41 -33.61 4.54
CA LEU B 315 -7.70 -33.58 3.09
C LEU B 315 -8.98 -34.34 2.76
N GLU B 316 -9.08 -35.58 3.23
CA GLU B 316 -10.25 -36.42 2.98
C GLU B 316 -11.55 -35.82 3.53
N ASN B 317 -11.50 -35.29 4.75
CA ASN B 317 -12.70 -34.70 5.40
C ASN B 317 -13.18 -33.41 4.75
N MET B 318 -12.30 -32.81 3.97
CA MET B 318 -12.56 -31.53 3.34
C MET B 318 -13.15 -31.56 1.92
N LEU B 319 -12.88 -32.62 1.16
CA LEU B 319 -13.33 -32.70 -0.23
C LEU B 319 -14.81 -32.44 -0.51
N PRO B 320 -15.72 -33.06 0.27
CA PRO B 320 -17.15 -32.82 -0.02
C PRO B 320 -17.51 -31.33 -0.02
N THR B 321 -16.94 -30.57 0.90
CA THR B 321 -17.21 -29.15 0.98
C THR B 321 -16.60 -28.43 -0.26
N LEU B 322 -15.39 -28.83 -0.64
CA LEU B 322 -14.71 -28.23 -1.80
C LEU B 322 -15.44 -28.53 -3.11
N ARG B 323 -15.87 -29.78 -3.30
CA ARG B 323 -16.59 -30.15 -4.51
C ARG B 323 -17.92 -29.37 -4.62
N ALA B 324 -18.59 -29.20 -3.48
CA ALA B 324 -19.85 -28.45 -3.46
C ALA B 324 -19.63 -26.95 -3.78
N ASP B 325 -18.48 -26.39 -3.37
CA ASP B 325 -18.16 -24.98 -3.66
C ASP B 325 -17.99 -24.80 -5.16
N ILE B 326 -17.42 -25.82 -5.78
CA ILE B 326 -17.16 -25.80 -7.24
C ILE B 326 -18.46 -25.98 -8.00
N GLU B 327 -19.24 -26.98 -7.59
CA GLU B 327 -20.55 -27.28 -8.17
C GLU B 327 -21.41 -26.01 -8.25
N LEU B 328 -21.45 -25.27 -7.15
CA LEU B 328 -22.22 -24.04 -7.03
C LEU B 328 -21.81 -23.00 -8.09
N GLY B 329 -20.53 -22.90 -8.37
CA GLY B 329 -20.02 -21.95 -9.37
C GLY B 329 -20.33 -22.37 -10.79
N GLU B 330 -20.39 -23.68 -11.02
CA GLU B 330 -20.71 -24.21 -12.35
C GLU B 330 -22.19 -23.99 -12.62
N LYS B 331 -23.02 -24.30 -11.61
CA LYS B 331 -24.46 -24.13 -11.72
C LYS B 331 -24.88 -22.69 -11.97
N PHE B 332 -24.18 -21.74 -11.35
CA PHE B 332 -24.47 -20.33 -11.53
C PHE B 332 -24.45 -19.91 -13.01
N ILE B 333 -23.60 -20.55 -13.80
CA ILE B 333 -23.48 -20.26 -15.23
C ILE B 333 -24.24 -21.23 -16.13
N ASN B 334 -24.05 -22.53 -15.94
CA ASN B 334 -24.68 -23.56 -16.80
C ASN B 334 -26.10 -23.89 -16.40
N GLY B 335 -26.24 -24.44 -15.22
CA GLY B 335 -27.55 -24.82 -14.68
C GLY B 335 -27.35 -25.65 -13.44
S SO4 C . -2.33 17.29 -1.89
O1 SO4 C . -1.22 17.27 -0.91
O2 SO4 C . -2.40 15.98 -2.59
O3 SO4 C . -3.61 17.53 -1.21
O4 SO4 C . -2.07 18.36 -2.87
S SO4 D . 16.61 23.15 20.18
O1 SO4 D . 16.67 22.39 18.93
O2 SO4 D . 16.96 22.25 21.31
O3 SO4 D . 15.24 23.69 20.40
O4 SO4 D . 17.58 24.28 20.13
S SO4 E . 18.22 2.21 -9.22
O1 SO4 E . 19.57 1.96 -9.78
O2 SO4 E . 17.44 0.95 -9.24
O3 SO4 E . 18.34 2.69 -7.83
O4 SO4 E . 17.51 3.21 -10.04
S SO4 F . -10.19 -13.26 4.39
O1 SO4 F . -9.52 -14.46 4.95
O2 SO4 F . -9.85 -13.14 2.96
O3 SO4 F . -9.72 -12.05 5.13
O4 SO4 F . -11.65 -13.39 4.55
S SO4 G . 15.95 -12.64 2.87
O1 SO4 G . 16.83 -13.56 3.62
O2 SO4 G . 14.77 -13.38 2.36
O3 SO4 G . 15.49 -11.56 3.78
O4 SO4 G . 16.69 -12.06 1.74
S SO4 H . -13.07 -24.29 -24.49
O1 SO4 H . -11.84 -24.50 -25.28
O2 SO4 H . -13.03 -25.11 -23.26
O3 SO4 H . -13.19 -22.86 -24.13
O4 SO4 H . -14.24 -24.68 -25.31
#